data_6GTM
#
_entry.id   6GTM
#
_cell.length_a   107.921
_cell.length_b   58.192
_cell.length_c   115.253
_cell.angle_alpha   90.000
_cell.angle_beta   93.060
_cell.angle_gamma   90.000
#
_symmetry.space_group_name_H-M   'P 1 21 1'
#
loop_
_entity.id
_entity.type
_entity.pdbx_description
1 polymer SmbA
2 non-polymer "GUANOSINE-5',3'-TETRAPHOSPHATE"
#
_entity_poly.entity_id   1
_entity_poly.type   'polypeptide(L)'
_entity_poly.pdbx_seq_one_letter_code
;MRYRPFGSTGVAVSALTLRLADNPRLRANDWRALVFTALENGVNSFQIDGDAPELLKGAGEAFASVERHLLFLTWRLRGD
AKQLGPHTLDALKRSAFEGLSLDYLDLLLINDPQSASLPMAFESGLQDLQKGRALRGLGVASRGDIDPGLLANDLVTAVS
SPYNLSSGWAERHRIRQASQNNFAVIGEDFWPQALREVADKAPPKPSFWQRRTDPLADVGGYEFLTNTPGWSAEDICLGY
ALTEPSLATVRVTADNRQEIERLAAVVERDLPTGVCAQIEMARFSAQEREKAARRPKLAAALEHHHHHH
;
_entity_poly.pdbx_strand_id   A,B,C,D
#
loop_
_chem_comp.id
_chem_comp.type
_chem_comp.name
_chem_comp.formula
G4P RNA linking GUANOSINE-5',3'-TETRAPHOSPHATE 'C10 H17 N5 O17 P4'
#
# COMPACT_ATOMS: atom_id res chain seq x y z
N MET A 1 7.95 -36.73 21.22
CA MET A 1 7.88 -35.38 20.51
C MET A 1 8.77 -34.35 21.23
N ARG A 2 9.31 -33.40 20.46
CA ARG A 2 10.11 -32.22 20.87
C ARG A 2 9.41 -30.95 20.44
N TYR A 3 9.62 -29.90 21.19
CA TYR A 3 8.89 -28.65 20.99
C TYR A 3 9.95 -27.60 20.83
N ARG A 4 9.67 -26.60 20.03
CA ARG A 4 10.56 -25.44 19.83
C ARG A 4 9.75 -24.17 20.00
N PRO A 5 10.42 -23.08 20.40
CA PRO A 5 9.73 -21.82 20.53
C PRO A 5 9.40 -21.32 19.13
N PHE A 6 8.16 -20.89 18.93
CA PHE A 6 7.73 -20.22 17.68
C PHE A 6 8.36 -18.82 17.71
N GLY A 7 9.55 -18.72 17.09
CA GLY A 7 10.35 -17.47 17.00
C GLY A 7 10.30 -16.69 18.30
N SER A 8 9.54 -15.57 18.33
CA SER A 8 9.43 -14.61 19.47
C SER A 8 8.00 -14.57 20.05
N THR A 9 7.03 -15.25 19.42
CA THR A 9 5.59 -15.21 19.79
C THR A 9 5.38 -15.78 21.22
N GLY A 10 6.40 -16.40 21.83
CA GLY A 10 6.34 -16.93 23.21
C GLY A 10 5.57 -18.26 23.35
N VAL A 11 4.90 -18.79 22.31
CA VAL A 11 4.17 -20.11 22.35
C VAL A 11 5.07 -21.22 21.75
N ALA A 12 4.92 -22.44 22.27
CA ALA A 12 5.70 -23.66 21.90
C ALA A 12 4.88 -24.48 20.90
N VAL A 13 5.55 -24.94 19.86
CA VAL A 13 4.98 -25.83 18.81
C VAL A 13 5.80 -27.10 18.83
N SER A 14 5.16 -28.24 18.58
CA SER A 14 5.85 -29.53 18.36
C SER A 14 6.80 -29.38 17.18
N ALA A 15 7.88 -30.16 17.13
CA ALA A 15 8.86 -30.09 16.03
C ALA A 15 8.20 -30.47 14.70
N LEU A 16 7.10 -31.22 14.69
CA LEU A 16 6.29 -31.48 13.46
C LEU A 16 5.00 -30.70 13.50
N THR A 17 4.57 -30.23 12.33
CA THR A 17 3.28 -29.54 12.11
C THR A 17 2.52 -30.38 11.08
N LEU A 18 1.40 -31.01 11.48
CA LEU A 18 0.59 -31.81 10.53
C LEU A 18 -0.35 -30.91 9.70
N ARG A 19 -0.29 -31.02 8.38
CA ARG A 19 -1.07 -30.21 7.43
C ARG A 19 -2.25 -31.03 6.94
N LEU A 20 -3.48 -30.58 7.22
CA LEU A 20 -4.74 -31.23 6.76
C LEU A 20 -5.10 -30.64 5.40
N ALA A 21 -4.85 -31.39 4.34
CA ALA A 21 -5.07 -30.93 2.96
C ALA A 21 -6.29 -31.63 2.44
N ASP A 22 -7.22 -30.89 1.84
CA ASP A 22 -8.51 -31.49 1.37
C ASP A 22 -8.18 -32.85 0.78
N ASN A 23 -9.01 -33.84 1.04
CA ASN A 23 -8.80 -35.17 0.43
C ASN A 23 -10.13 -35.85 0.32
N PRO A 24 -10.58 -36.16 -0.91
CA PRO A 24 -11.94 -36.65 -1.14
C PRO A 24 -12.29 -37.99 -0.49
N ARG A 25 -11.31 -38.68 0.10
CA ARG A 25 -11.48 -40.07 0.58
C ARG A 25 -11.59 -40.12 2.10
N LEU A 26 -11.61 -39.00 2.83
CA LEU A 26 -11.78 -39.05 4.31
C LEU A 26 -13.09 -38.37 4.69
N ARG A 27 -13.96 -39.13 5.36
CA ARG A 27 -15.19 -38.62 6.00
C ARG A 27 -14.76 -37.86 7.26
N ALA A 28 -15.72 -37.28 8.00
CA ALA A 28 -15.45 -36.35 9.10
C ALA A 28 -14.77 -37.11 10.25
N ASN A 29 -15.28 -38.29 10.61
CA ASN A 29 -14.74 -39.14 11.70
C ASN A 29 -13.28 -39.49 11.40
N ASP A 30 -12.93 -39.66 10.11
CA ASP A 30 -11.56 -39.98 9.62
C ASP A 30 -10.62 -38.81 9.96
N TRP A 31 -11.03 -37.58 9.64
CA TRP A 31 -10.27 -36.34 9.96
C TRP A 31 -10.19 -36.20 11.48
N ARG A 32 -11.27 -36.51 12.20
CA ARG A 32 -11.25 -36.37 13.68
C ARG A 32 -10.14 -37.26 14.23
N ALA A 33 -10.19 -38.57 13.94
CA ALA A 33 -9.22 -39.57 14.46
C ALA A 33 -7.81 -39.29 13.94
N LEU A 34 -7.65 -38.64 12.78
CA LEU A 34 -6.33 -38.23 12.29
C LEU A 34 -5.74 -37.29 13.33
N VAL A 35 -6.47 -36.20 13.62
CA VAL A 35 -6.04 -35.12 14.55
C VAL A 35 -5.80 -35.75 15.93
N PHE A 36 -6.60 -36.76 16.32
CA PHE A 36 -6.45 -37.43 17.65
C PHE A 36 -5.11 -38.14 17.72
N THR A 37 -4.82 -39.04 16.78
CA THR A 37 -3.51 -39.69 16.62
C THR A 37 -2.38 -38.65 16.70
N ALA A 38 -2.51 -37.50 16.03
CA ALA A 38 -1.53 -36.40 16.05
C ALA A 38 -1.30 -35.94 17.49
N LEU A 39 -2.37 -35.58 18.22
CA LEU A 39 -2.30 -35.10 19.63
C LEU A 39 -1.66 -36.17 20.53
N GLU A 40 -2.19 -37.38 20.46
CA GLU A 40 -1.69 -38.58 21.18
C GLU A 40 -0.19 -38.78 20.87
N ASN A 41 0.29 -38.45 19.68
CA ASN A 41 1.74 -38.58 19.36
C ASN A 41 2.51 -37.30 19.72
N GLY A 42 1.87 -36.29 20.34
CA GLY A 42 2.52 -35.07 20.88
C GLY A 42 2.44 -33.86 19.95
N VAL A 43 2.03 -34.06 18.69
CA VAL A 43 1.84 -33.00 17.65
C VAL A 43 0.73 -32.04 18.11
N ASN A 44 1.01 -30.75 18.15
CA ASN A 44 0.07 -29.71 18.63
C ASN A 44 -0.02 -28.57 17.61
N SER A 45 0.84 -28.55 16.59
CA SER A 45 0.80 -27.60 15.46
C SER A 45 0.05 -28.24 14.30
N PHE A 46 -1.09 -27.65 13.95
CA PHE A 46 -1.87 -28.00 12.74
C PHE A 46 -1.80 -26.83 11.78
N GLN A 47 -1.97 -27.17 10.51
CA GLN A 47 -2.16 -26.26 9.37
C GLN A 47 -3.39 -26.78 8.60
N ILE A 48 -4.46 -25.99 8.51
CA ILE A 48 -5.63 -26.33 7.66
C ILE A 48 -5.40 -25.71 6.28
N ASP A 49 -5.29 -26.58 5.28
CA ASP A 49 -5.03 -26.25 3.86
C ASP A 49 -6.15 -26.90 3.05
N GLY A 50 -7.39 -26.46 3.30
CA GLY A 50 -8.61 -26.93 2.62
C GLY A 50 -9.83 -26.33 3.28
N ASP A 51 -10.99 -26.46 2.68
CA ASP A 51 -12.22 -25.86 3.27
C ASP A 51 -13.38 -26.86 3.17
N ALA A 52 -13.11 -28.13 2.80
CA ALA A 52 -14.14 -29.18 2.58
C ALA A 52 -15.00 -29.34 3.83
N PRO A 53 -16.32 -29.56 3.66
CA PRO A 53 -17.24 -29.47 4.79
C PRO A 53 -16.78 -30.51 5.81
N GLU A 54 -16.47 -31.72 5.30
CA GLU A 54 -16.12 -32.91 6.13
C GLU A 54 -14.82 -32.68 6.92
N LEU A 55 -13.88 -31.89 6.41
CA LEU A 55 -12.57 -31.68 7.06
C LEU A 55 -12.76 -30.74 8.26
N LEU A 56 -13.23 -29.52 8.01
CA LEU A 56 -13.47 -28.50 9.06
C LEU A 56 -14.30 -29.14 10.19
N LYS A 57 -15.27 -29.99 9.84
CA LYS A 57 -16.21 -30.66 10.76
C LYS A 57 -15.43 -31.52 11.75
N GLY A 58 -14.67 -32.47 11.20
CA GLY A 58 -13.86 -33.44 11.93
C GLY A 58 -12.68 -32.80 12.61
N ALA A 59 -11.98 -31.91 11.93
CA ALA A 59 -10.84 -31.20 12.52
C ALA A 59 -11.34 -30.28 13.63
N GLY A 60 -12.51 -29.70 13.45
CA GLY A 60 -13.10 -28.80 14.45
C GLY A 60 -13.49 -29.53 15.72
N GLU A 61 -14.09 -30.70 15.56
CA GLU A 61 -14.50 -31.56 16.67
C GLU A 61 -13.26 -32.02 17.45
N ALA A 62 -12.16 -32.40 16.78
CA ALA A 62 -10.94 -32.90 17.43
C ALA A 62 -10.29 -31.74 18.18
N PHE A 63 -10.03 -30.62 17.50
CA PHE A 63 -9.43 -29.41 18.11
C PHE A 63 -10.28 -29.07 19.34
N ALA A 64 -11.59 -29.07 19.16
CA ALA A 64 -12.59 -28.72 20.19
C ALA A 64 -12.39 -29.56 21.46
N SER A 65 -11.97 -30.82 21.36
CA SER A 65 -11.97 -31.76 22.53
C SER A 65 -10.79 -31.49 23.49
N VAL A 66 -9.61 -31.02 23.04
CA VAL A 66 -8.53 -30.62 23.99
C VAL A 66 -8.67 -29.12 24.25
N GLU A 67 -7.90 -28.61 25.21
CA GLU A 67 -7.97 -27.18 25.63
C GLU A 67 -7.26 -26.33 24.57
N ARG A 68 -7.93 -25.26 24.09
CA ARG A 68 -7.55 -24.44 22.90
C ARG A 68 -6.10 -23.91 23.02
N HIS A 69 -5.59 -23.75 24.23
CA HIS A 69 -4.28 -23.11 24.52
C HIS A 69 -3.13 -24.13 24.44
N LEU A 70 -3.40 -25.39 24.06
CA LEU A 70 -2.35 -26.42 23.83
C LEU A 70 -2.04 -26.47 22.35
N LEU A 71 -2.90 -25.86 21.55
CA LEU A 71 -2.93 -26.00 20.07
C LEU A 71 -2.33 -24.75 19.43
N PHE A 72 -1.53 -24.95 18.39
CA PHE A 72 -1.12 -23.88 17.46
C PHE A 72 -1.77 -24.15 16.09
N LEU A 73 -2.83 -23.40 15.75
CA LEU A 73 -3.58 -23.57 14.48
C LEU A 73 -3.23 -22.48 13.46
N THR A 74 -2.62 -22.90 12.36
CA THR A 74 -2.23 -22.09 11.18
C THR A 74 -3.30 -22.28 10.10
N TRP A 75 -3.86 -21.20 9.53
CA TRP A 75 -4.77 -21.32 8.35
C TRP A 75 -4.00 -20.88 7.12
N ARG A 76 -4.03 -21.73 6.11
CA ARG A 76 -3.22 -21.61 4.88
C ARG A 76 -4.12 -20.95 3.85
N LEU A 77 -3.87 -19.70 3.52
CA LEU A 77 -4.74 -18.93 2.60
C LEU A 77 -4.01 -18.73 1.26
N ARG A 78 -4.45 -19.46 0.22
CA ARG A 78 -3.76 -19.49 -1.09
C ARG A 78 -4.26 -18.37 -2.00
N GLY A 79 -4.18 -18.57 -3.31
CA GLY A 79 -4.49 -17.52 -4.31
C GLY A 79 -3.48 -16.38 -4.31
N ASP A 80 -3.52 -15.57 -5.39
CA ASP A 80 -2.69 -14.36 -5.57
C ASP A 80 -2.94 -13.47 -4.36
N ALA A 81 -1.89 -13.23 -3.59
CA ALA A 81 -1.89 -12.38 -2.38
C ALA A 81 -2.44 -10.98 -2.70
N LYS A 82 -2.32 -10.51 -3.95
CA LYS A 82 -2.70 -9.12 -4.33
C LYS A 82 -4.17 -9.10 -4.79
N GLN A 83 -4.93 -10.19 -4.66
CA GLN A 83 -6.39 -10.23 -4.92
C GLN A 83 -7.16 -10.30 -3.60
N LEU A 84 -6.51 -10.38 -2.45
CA LEU A 84 -7.20 -10.54 -1.15
C LEU A 84 -7.85 -9.21 -0.77
N GLY A 85 -9.13 -9.24 -0.38
CA GLY A 85 -9.93 -8.05 -0.03
C GLY A 85 -11.01 -8.42 0.97
N PRO A 86 -12.18 -7.72 0.97
CA PRO A 86 -13.23 -7.99 1.95
C PRO A 86 -13.79 -9.43 1.81
N HIS A 87 -14.01 -9.88 0.56
CA HIS A 87 -14.50 -11.24 0.20
C HIS A 87 -13.71 -12.33 0.93
N THR A 88 -12.39 -12.15 1.02
CA THR A 88 -11.43 -13.12 1.62
C THR A 88 -11.75 -13.27 3.10
N LEU A 89 -12.07 -12.18 3.78
CA LEU A 89 -12.39 -12.21 5.24
C LEU A 89 -13.80 -12.75 5.49
N ASP A 90 -14.72 -12.64 4.52
CA ASP A 90 -16.04 -13.31 4.55
C ASP A 90 -15.81 -14.81 4.48
N ALA A 91 -14.91 -15.24 3.58
CA ALA A 91 -14.53 -16.65 3.41
C ALA A 91 -13.87 -17.16 4.70
N LEU A 92 -13.05 -16.33 5.32
CA LEU A 92 -12.24 -16.68 6.52
C LEU A 92 -13.16 -16.85 7.71
N LYS A 93 -14.06 -15.89 7.93
CA LYS A 93 -15.09 -16.02 8.99
C LYS A 93 -15.77 -17.40 8.86
N ARG A 94 -16.29 -17.75 7.69
CA ARG A 94 -17.20 -18.92 7.49
C ARG A 94 -16.42 -20.23 7.55
N SER A 95 -15.20 -20.26 7.01
CA SER A 95 -14.37 -21.48 6.92
C SER A 95 -13.58 -21.67 8.21
N ALA A 96 -12.71 -20.73 8.58
CA ALA A 96 -11.78 -20.89 9.72
C ALA A 96 -12.53 -20.74 11.03
N PHE A 97 -13.32 -19.68 11.22
CA PHE A 97 -13.87 -19.30 12.54
C PHE A 97 -15.16 -20.07 12.85
N GLU A 98 -16.16 -20.02 11.98
CA GLU A 98 -17.41 -20.82 12.15
C GLU A 98 -17.10 -22.29 11.88
N GLY A 99 -16.44 -22.59 10.77
CA GLY A 99 -16.21 -23.97 10.29
C GLY A 99 -15.49 -24.84 11.31
N LEU A 100 -14.43 -24.33 11.94
CA LEU A 100 -13.59 -25.09 12.90
C LEU A 100 -14.06 -24.81 14.34
N SER A 101 -14.82 -23.74 14.54
CA SER A 101 -15.35 -23.34 15.88
C SER A 101 -14.23 -22.77 16.73
N LEU A 102 -13.31 -21.99 16.13
CA LEU A 102 -12.26 -21.25 16.88
C LEU A 102 -12.73 -19.81 17.07
N ASP A 103 -12.21 -19.15 18.13
CA ASP A 103 -12.43 -17.72 18.42
C ASP A 103 -11.21 -16.92 17.95
N TYR A 104 -10.07 -17.59 17.80
CA TYR A 104 -8.81 -16.96 17.33
C TYR A 104 -8.00 -17.96 16.51
N LEU A 105 -7.27 -17.48 15.48
CA LEU A 105 -6.24 -18.25 14.77
C LEU A 105 -4.85 -17.86 15.30
N ASP A 106 -3.98 -18.84 15.54
CA ASP A 106 -2.57 -18.64 15.96
C ASP A 106 -1.79 -17.97 14.79
N LEU A 107 -2.19 -18.23 13.56
CA LEU A 107 -1.42 -17.76 12.38
C LEU A 107 -2.30 -17.92 11.13
N LEU A 108 -2.18 -16.96 10.24
CA LEU A 108 -2.75 -16.99 8.88
C LEU A 108 -1.55 -16.91 7.93
N LEU A 109 -1.45 -17.82 6.96
CA LEU A 109 -0.24 -18.00 6.13
C LEU A 109 -0.60 -17.72 4.67
N ILE A 110 -0.17 -16.59 4.14
CA ILE A 110 -0.63 -16.13 2.80
C ILE A 110 0.48 -16.43 1.80
N ASN A 111 0.20 -16.32 0.51
CA ASN A 111 1.25 -16.43 -0.53
C ASN A 111 2.07 -15.14 -0.50
N ASP A 112 3.31 -15.12 -1.01
CA ASP A 112 4.17 -13.91 -1.11
C ASP A 112 3.67 -13.05 -2.26
N PRO A 113 3.24 -11.80 -2.03
CA PRO A 113 2.75 -10.95 -3.12
C PRO A 113 3.86 -10.42 -4.03
N GLN A 114 5.07 -10.97 -3.94
CA GLN A 114 6.37 -10.30 -4.28
C GLN A 114 6.10 -8.79 -4.40
N SER A 115 6.09 -8.08 -3.27
CA SER A 115 5.55 -6.70 -3.14
C SER A 115 5.83 -6.20 -1.72
N ALA A 116 6.26 -4.94 -1.60
CA ALA A 116 6.42 -4.26 -0.29
C ALA A 116 5.12 -4.41 0.53
N SER A 117 3.95 -4.36 -0.11
CA SER A 117 2.65 -4.12 0.57
C SER A 117 1.59 -5.17 0.18
N LEU A 118 0.65 -5.39 1.10
CA LEU A 118 -0.62 -6.14 0.91
C LEU A 118 -1.66 -5.20 0.34
N PRO A 119 -2.81 -5.71 -0.13
CA PRO A 119 -3.99 -4.86 -0.36
C PRO A 119 -4.57 -4.15 0.89
N MET A 120 -5.03 -2.91 0.71
CA MET A 120 -5.56 -1.99 1.76
C MET A 120 -6.70 -2.64 2.54
N ALA A 121 -7.71 -3.13 1.81
CA ALA A 121 -8.95 -3.72 2.38
C ALA A 121 -8.55 -4.84 3.33
N PHE A 122 -7.72 -5.76 2.85
CA PHE A 122 -7.21 -6.96 3.57
C PHE A 122 -6.43 -6.55 4.83
N GLU A 123 -5.33 -5.82 4.68
CA GLU A 123 -4.42 -5.41 5.78
C GLU A 123 -5.22 -4.76 6.91
N SER A 124 -6.16 -3.89 6.55
CA SER A 124 -7.09 -3.21 7.50
C SER A 124 -7.82 -4.28 8.31
N GLY A 125 -8.59 -5.14 7.63
CA GLY A 125 -9.33 -6.27 8.23
C GLY A 125 -8.47 -7.09 9.19
N LEU A 126 -7.20 -7.33 8.87
CA LEU A 126 -6.25 -8.11 9.71
C LEU A 126 -5.99 -7.35 11.01
N GLN A 127 -5.71 -6.03 10.97
CA GLN A 127 -5.50 -5.24 12.22
C GLN A 127 -6.80 -5.26 13.03
N ASP A 128 -7.95 -5.40 12.37
CA ASP A 128 -9.28 -5.47 13.02
C ASP A 128 -9.38 -6.77 13.82
N LEU A 129 -9.03 -7.92 13.23
CA LEU A 129 -8.91 -9.23 13.93
C LEU A 129 -7.90 -9.11 15.08
N GLN A 130 -6.64 -8.80 14.77
CA GLN A 130 -5.58 -8.37 15.73
C GLN A 130 -6.22 -7.75 16.99
N LYS A 131 -6.78 -6.53 16.92
CA LYS A 131 -7.33 -5.80 18.09
C LYS A 131 -8.47 -6.62 18.73
N GLY A 132 -9.24 -7.36 17.94
CA GLY A 132 -10.31 -8.27 18.42
C GLY A 132 -9.72 -9.47 19.14
N ARG A 133 -8.39 -9.48 19.38
CA ARG A 133 -7.60 -10.57 20.00
C ARG A 133 -7.78 -11.88 19.20
N ALA A 134 -8.02 -11.83 17.88
CA ALA A 134 -8.60 -12.94 17.08
C ALA A 134 -7.66 -13.52 16.01
N LEU A 135 -6.43 -13.01 15.90
CA LEU A 135 -5.40 -13.50 14.94
C LEU A 135 -4.04 -13.12 15.49
N ARG A 136 -3.30 -14.09 15.99
CA ARG A 136 -2.00 -13.89 16.68
C ARG A 136 -0.97 -13.36 15.69
N GLY A 137 -1.00 -13.78 14.44
CA GLY A 137 0.10 -13.48 13.53
C GLY A 137 -0.29 -13.61 12.09
N LEU A 138 0.45 -12.92 11.22
CA LEU A 138 0.45 -13.14 9.76
C LEU A 138 1.73 -13.91 9.40
N GLY A 139 1.69 -14.66 8.31
CA GLY A 139 2.83 -15.43 7.83
C GLY A 139 2.85 -15.42 6.33
N VAL A 140 4.04 -15.46 5.77
CA VAL A 140 4.26 -15.36 4.31
C VAL A 140 5.06 -16.57 3.86
N ALA A 141 4.44 -17.54 3.19
CA ALA A 141 5.15 -18.65 2.52
C ALA A 141 5.71 -18.14 1.20
N SER A 142 6.91 -18.57 0.81
CA SER A 142 7.68 -17.98 -0.30
C SER A 142 8.83 -18.91 -0.69
N ARG A 143 9.26 -18.91 -1.96
CA ARG A 143 10.40 -19.75 -2.43
C ARG A 143 11.67 -18.91 -2.58
N GLY A 144 11.54 -17.66 -3.04
CA GLY A 144 12.64 -16.70 -3.07
C GLY A 144 12.67 -15.83 -1.83
N ASP A 145 13.21 -14.60 -1.96
CA ASP A 145 13.40 -13.60 -0.87
C ASP A 145 12.12 -12.76 -0.71
N ILE A 146 11.42 -12.90 0.42
CA ILE A 146 10.29 -12.00 0.83
C ILE A 146 10.86 -10.58 0.88
N ASP A 147 10.05 -9.58 0.50
CA ASP A 147 10.45 -8.14 0.41
C ASP A 147 10.75 -7.59 1.80
N PRO A 148 11.92 -6.94 2.05
CA PRO A 148 12.28 -6.49 3.40
C PRO A 148 11.22 -5.56 4.00
N GLY A 149 10.60 -4.76 3.13
CA GLY A 149 9.43 -3.91 3.42
C GLY A 149 8.30 -4.74 4.02
N LEU A 150 7.86 -5.81 3.36
CA LEU A 150 6.75 -6.67 3.83
C LEU A 150 7.12 -7.29 5.18
N LEU A 151 8.32 -7.85 5.29
CA LEU A 151 8.87 -8.41 6.57
C LEU A 151 8.83 -7.36 7.68
N ALA A 152 8.99 -6.09 7.33
CA ALA A 152 8.91 -4.94 8.26
C ALA A 152 7.50 -4.81 8.86
N ASN A 153 6.45 -5.11 8.08
CA ASN A 153 5.03 -5.10 8.55
C ASN A 153 4.97 -5.82 9.91
N ASP A 154 4.18 -5.29 10.83
CA ASP A 154 4.09 -5.75 12.25
C ASP A 154 3.06 -6.87 12.35
N LEU A 155 2.22 -7.04 11.33
CA LEU A 155 1.34 -8.23 11.29
C LEU A 155 2.23 -9.45 11.09
N VAL A 156 3.35 -9.29 10.37
CA VAL A 156 4.17 -10.43 9.86
C VAL A 156 5.09 -10.95 10.98
N THR A 157 4.75 -12.14 11.53
CA THR A 157 5.42 -12.83 12.67
C THR A 157 6.02 -14.18 12.23
N ALA A 158 6.04 -14.52 10.93
CA ALA A 158 6.49 -15.87 10.46
C ALA A 158 6.69 -15.94 8.95
N VAL A 159 7.58 -16.81 8.51
CA VAL A 159 7.69 -17.24 7.09
C VAL A 159 7.67 -18.78 6.99
N SER A 160 7.30 -19.31 5.83
CA SER A 160 7.46 -20.75 5.52
C SER A 160 8.18 -20.83 4.19
N SER A 161 8.92 -21.91 3.97
CA SER A 161 9.90 -22.05 2.88
C SER A 161 10.25 -23.51 2.67
N PRO A 162 10.47 -23.97 1.42
CA PRO A 162 11.01 -25.30 1.19
C PRO A 162 12.40 -25.26 1.79
N TYR A 163 12.66 -26.13 2.77
CA TYR A 163 14.01 -26.54 3.21
C TYR A 163 14.00 -28.05 3.30
N ASN A 164 15.05 -28.66 2.75
CA ASN A 164 15.16 -30.13 2.70
C ASN A 164 16.59 -30.52 2.37
N LEU A 165 16.84 -31.82 2.47
CA LEU A 165 18.01 -32.52 1.91
C LEU A 165 18.65 -31.83 0.69
N SER A 166 17.86 -31.43 -0.31
CA SER A 166 18.31 -30.91 -1.63
C SER A 166 18.78 -29.46 -1.51
N SER A 167 18.26 -28.70 -0.53
CA SER A 167 18.36 -27.21 -0.46
C SER A 167 19.82 -26.74 -0.54
N GLY A 168 20.05 -25.60 -1.21
CA GLY A 168 21.35 -24.89 -1.27
C GLY A 168 21.63 -24.07 -0.02
N TRP A 169 22.91 -23.73 0.25
CA TRP A 169 23.35 -22.77 1.30
C TRP A 169 22.74 -21.39 0.97
N ALA A 170 22.62 -21.07 -0.33
CA ALA A 170 21.63 -20.13 -0.90
C ALA A 170 20.35 -20.18 -0.05
N GLU A 171 19.43 -21.12 -0.41
CA GLU A 171 18.15 -21.45 0.30
C GLU A 171 18.35 -21.39 1.83
N ARG A 172 19.40 -22.01 2.39
CA ARG A 172 19.57 -22.21 3.86
C ARG A 172 19.73 -20.87 4.60
N HIS A 173 20.66 -20.03 4.12
CA HIS A 173 21.04 -18.70 4.70
C HIS A 173 19.79 -17.86 4.98
N ARG A 174 18.88 -17.80 4.00
CA ARG A 174 17.63 -17.00 4.06
C ARG A 174 16.81 -17.37 5.31
N ILE A 175 16.53 -18.67 5.45
CA ILE A 175 15.84 -19.32 6.60
C ILE A 175 16.57 -18.96 7.91
N ARG A 176 17.90 -18.86 7.88
CA ARG A 176 18.71 -18.54 9.07
C ARG A 176 18.60 -17.06 9.43
N GLN A 177 18.71 -16.19 8.43
CA GLN A 177 18.57 -14.73 8.63
C GLN A 177 17.20 -14.46 9.26
N ALA A 178 16.14 -14.99 8.65
CA ALA A 178 14.74 -14.88 9.11
C ALA A 178 14.67 -15.16 10.61
N SER A 179 15.24 -16.29 11.02
CA SER A 179 15.33 -16.80 12.41
C SER A 179 16.02 -15.77 13.32
N GLN A 180 17.10 -15.16 12.85
CA GLN A 180 17.89 -14.15 13.61
C GLN A 180 17.06 -12.88 13.77
N ASN A 181 16.38 -12.45 12.71
CA ASN A 181 15.46 -11.27 12.74
C ASN A 181 14.14 -11.64 13.44
N ASN A 182 14.12 -12.74 14.21
CA ASN A 182 13.03 -13.08 15.16
C ASN A 182 11.75 -13.55 14.47
N PHE A 183 11.75 -13.75 13.15
CA PHE A 183 10.68 -14.48 12.40
C PHE A 183 10.76 -15.98 12.80
N ALA A 184 9.60 -16.62 12.98
CA ALA A 184 9.47 -18.08 13.13
C ALA A 184 9.48 -18.70 11.73
N VAL A 185 10.23 -19.77 11.51
CA VAL A 185 10.34 -20.33 10.14
C VAL A 185 9.68 -21.70 10.10
N ILE A 186 8.76 -21.92 9.18
CA ILE A 186 8.04 -23.20 8.99
C ILE A 186 8.71 -23.91 7.82
N GLY A 187 9.18 -25.13 8.01
CA GLY A 187 9.86 -25.93 6.99
C GLY A 187 8.85 -26.65 6.14
N GLU A 188 9.09 -26.80 4.85
CA GLU A 188 8.10 -27.45 3.97
C GLU A 188 8.78 -28.68 3.35
N ASP A 189 8.36 -28.97 2.11
CA ASP A 189 8.67 -30.10 1.20
C ASP A 189 9.90 -30.91 1.61
N PHE A 190 9.88 -31.61 2.72
CA PHE A 190 11.11 -32.14 3.40
C PHE A 190 11.66 -33.33 2.60
N TRP A 191 10.73 -34.05 1.96
CA TRP A 191 10.97 -35.09 0.94
C TRP A 191 10.61 -34.49 -0.41
N PRO A 192 11.61 -34.27 -1.30
CA PRO A 192 11.37 -33.60 -2.57
C PRO A 192 10.96 -34.50 -3.73
N GLN A 193 10.54 -33.86 -4.83
CA GLN A 193 10.22 -34.47 -6.14
C GLN A 193 11.45 -35.16 -6.71
N ALA A 194 12.55 -34.43 -6.94
CA ALA A 194 13.78 -34.97 -7.57
C ALA A 194 14.03 -36.44 -7.14
N LEU A 195 13.68 -36.82 -5.90
CA LEU A 195 14.06 -38.09 -5.22
C LEU A 195 12.82 -38.96 -4.89
N ARG A 196 11.74 -38.87 -5.67
CA ARG A 196 10.52 -39.70 -5.54
C ARG A 196 10.61 -40.87 -6.53
N GLU A 197 11.32 -40.66 -7.67
CA GLU A 197 11.67 -41.61 -8.79
C GLU A 197 10.66 -42.77 -8.82
N VAL A 219 32.64 -38.60 -6.24
CA VAL A 219 31.20 -38.95 -6.47
C VAL A 219 30.55 -39.18 -5.09
N GLY A 220 29.21 -39.13 -5.05
CA GLY A 220 28.30 -39.63 -4.01
C GLY A 220 27.14 -40.36 -4.66
N GLY A 221 25.95 -39.71 -4.73
CA GLY A 221 24.71 -40.30 -5.28
C GLY A 221 23.76 -40.77 -4.18
N TYR A 222 22.46 -40.92 -4.47
CA TYR A 222 21.40 -40.96 -3.43
C TYR A 222 21.00 -42.39 -3.09
N GLU A 223 21.87 -43.37 -3.32
CA GLU A 223 21.52 -44.81 -3.16
C GLU A 223 21.30 -45.12 -1.67
N PHE A 224 22.14 -44.56 -0.81
CA PHE A 224 22.10 -44.72 0.67
C PHE A 224 20.73 -44.34 1.23
N LEU A 225 19.91 -43.59 0.48
CA LEU A 225 18.56 -43.16 0.95
C LEU A 225 17.67 -44.38 1.17
N THR A 226 17.92 -45.48 0.46
CA THR A 226 17.07 -46.69 0.49
C THR A 226 17.87 -47.85 1.07
N ASN A 227 19.20 -47.78 1.11
CA ASN A 227 20.10 -48.86 1.60
C ASN A 227 20.35 -48.79 3.10
N THR A 228 19.99 -47.69 3.77
CA THR A 228 20.36 -47.50 5.19
C THR A 228 19.54 -48.47 6.04
N PRO A 229 20.18 -49.47 6.72
CA PRO A 229 19.43 -50.42 7.53
C PRO A 229 18.71 -49.67 8.65
N GLY A 230 17.40 -49.86 8.76
CA GLY A 230 16.58 -49.30 9.86
C GLY A 230 15.85 -48.03 9.46
N TRP A 231 16.28 -47.36 8.39
CA TRP A 231 15.70 -46.07 7.95
C TRP A 231 15.04 -46.21 6.59
N SER A 232 13.89 -45.53 6.37
CA SER A 232 13.26 -45.29 5.04
C SER A 232 13.74 -43.95 4.48
N ALA A 233 13.43 -43.61 3.23
CA ALA A 233 13.82 -42.29 2.71
C ALA A 233 12.91 -41.17 3.28
N GLU A 234 11.56 -41.31 3.29
CA GLU A 234 10.62 -40.32 3.94
C GLU A 234 11.38 -40.02 5.25
N ASP A 235 11.78 -41.06 5.99
CA ASP A 235 12.37 -40.95 7.36
C ASP A 235 13.73 -40.24 7.33
N ILE A 236 14.70 -40.68 6.53
CA ILE A 236 16.04 -40.00 6.46
C ILE A 236 15.81 -38.53 6.16
N CYS A 237 14.95 -38.23 5.20
CA CYS A 237 14.79 -36.85 4.68
C CYS A 237 14.22 -35.95 5.77
N LEU A 238 13.22 -36.47 6.52
CA LEU A 238 12.61 -35.77 7.69
C LEU A 238 13.69 -35.60 8.76
N GLY A 239 14.56 -36.61 8.87
CA GLY A 239 15.73 -36.61 9.74
C GLY A 239 16.53 -35.32 9.58
N TYR A 240 16.91 -35.00 8.34
CA TYR A 240 17.78 -33.85 8.00
C TYR A 240 17.03 -32.55 8.34
N ALA A 241 15.84 -32.36 7.81
CA ALA A 241 14.99 -31.18 8.05
C ALA A 241 14.99 -30.79 9.53
N LEU A 242 15.01 -31.78 10.42
CA LEU A 242 14.86 -31.56 11.88
C LEU A 242 16.17 -31.10 12.51
N THR A 243 17.30 -31.20 11.81
CA THR A 243 18.66 -30.82 12.31
C THR A 243 18.89 -29.31 12.11
N GLU A 244 18.12 -28.67 11.21
CA GLU A 244 18.16 -27.20 11.00
C GLU A 244 17.52 -26.45 12.17
N PRO A 245 18.30 -25.73 12.99
CA PRO A 245 17.74 -24.95 14.10
C PRO A 245 16.92 -23.74 13.67
N SER A 246 17.26 -23.13 12.54
CA SER A 246 16.51 -22.01 11.91
C SER A 246 15.01 -22.31 11.86
N LEU A 247 14.65 -23.58 11.61
CA LEU A 247 13.24 -24.05 11.50
C LEU A 247 12.61 -24.29 12.89
N ALA A 248 11.49 -23.63 13.13
CA ALA A 248 10.70 -23.75 14.39
C ALA A 248 9.87 -25.02 14.31
N THR A 249 9.62 -25.52 13.10
CA THR A 249 8.76 -26.73 12.92
C THR A 249 8.83 -27.17 11.46
N VAL A 250 8.84 -28.47 11.23
CA VAL A 250 8.84 -29.12 9.90
C VAL A 250 7.39 -29.47 9.62
N ARG A 251 6.89 -29.10 8.45
CA ARG A 251 5.53 -29.44 8.00
C ARG A 251 5.57 -30.82 7.38
N VAL A 252 4.59 -31.63 7.80
CA VAL A 252 4.30 -33.00 7.32
C VAL A 252 2.82 -33.06 6.94
N THR A 253 2.45 -34.08 6.15
CA THR A 253 1.12 -34.30 5.53
C THR A 253 0.85 -35.81 5.55
N ALA A 254 -0.33 -36.21 6.00
CA ALA A 254 -0.62 -37.60 6.42
C ALA A 254 -2.04 -38.03 6.00
N ASP A 255 -2.11 -38.80 4.88
CA ASP A 255 -3.27 -39.59 4.41
C ASP A 255 -3.94 -40.17 5.69
N ASN A 256 -3.18 -40.59 6.71
CA ASN A 256 -3.59 -41.70 7.61
C ASN A 256 -2.73 -41.81 8.89
N ARG A 257 -3.00 -42.83 9.69
CA ARG A 257 -2.65 -42.90 11.13
C ARG A 257 -1.24 -43.49 11.33
N GLN A 258 -0.96 -44.60 10.66
CA GLN A 258 0.37 -45.20 10.64
C GLN A 258 1.42 -44.20 10.19
N GLU A 259 1.13 -43.28 9.25
CA GLU A 259 2.14 -42.31 8.74
C GLU A 259 2.48 -41.35 9.89
N ILE A 260 1.46 -40.77 10.52
CA ILE A 260 1.67 -39.76 11.60
C ILE A 260 2.52 -40.41 12.67
N GLU A 261 2.26 -41.68 12.95
CA GLU A 261 3.01 -42.45 13.96
C GLU A 261 4.48 -42.53 13.54
N ARG A 262 4.77 -42.91 12.29
CA ARG A 262 6.17 -43.20 11.86
C ARG A 262 7.02 -41.92 11.82
N LEU A 263 6.40 -40.75 11.61
CA LEU A 263 7.10 -39.45 11.42
C LEU A 263 7.35 -38.79 12.77
N ALA A 264 6.41 -38.89 13.71
CA ALA A 264 6.59 -38.40 15.08
C ALA A 264 7.71 -39.20 15.78
N ALA A 265 7.95 -40.44 15.32
CA ALA A 265 9.01 -41.34 15.82
C ALA A 265 10.34 -40.81 15.37
N VAL A 266 10.43 -40.38 14.13
CA VAL A 266 11.69 -39.83 13.54
C VAL A 266 12.20 -38.67 14.41
N VAL A 267 11.37 -37.98 15.15
CA VAL A 267 11.81 -36.78 15.91
C VAL A 267 12.73 -37.15 17.08
N GLU A 268 12.54 -38.36 17.62
CA GLU A 268 13.25 -38.88 18.81
C GLU A 268 14.49 -39.68 18.37
N ARG A 269 14.57 -40.04 17.10
CA ARG A 269 15.75 -40.75 16.54
C ARG A 269 16.79 -39.74 16.08
N ASP A 270 18.03 -40.21 16.09
CA ASP A 270 19.26 -39.48 15.73
C ASP A 270 19.71 -39.98 14.36
N LEU A 271 19.87 -39.07 13.39
CA LEU A 271 20.36 -39.48 12.05
C LEU A 271 21.75 -40.10 12.21
N PRO A 272 21.99 -41.35 11.74
CA PRO A 272 23.33 -41.95 11.86
C PRO A 272 24.33 -41.07 11.09
N THR A 273 25.49 -40.79 11.71
CA THR A 273 26.41 -39.70 11.26
C THR A 273 27.05 -40.12 9.92
N GLY A 274 27.04 -41.42 9.60
CA GLY A 274 27.28 -41.94 8.24
C GLY A 274 26.37 -41.27 7.22
N VAL A 275 25.06 -41.40 7.41
CA VAL A 275 23.98 -40.83 6.54
C VAL A 275 24.16 -39.31 6.42
N CYS A 276 24.54 -38.60 7.48
CA CYS A 276 24.69 -37.11 7.44
C CYS A 276 25.76 -36.68 6.44
N ALA A 277 26.84 -37.46 6.38
CA ALA A 277 28.04 -37.20 5.55
C ALA A 277 27.68 -37.48 4.10
N GLN A 278 26.96 -38.56 3.86
CA GLN A 278 26.54 -38.96 2.50
C GLN A 278 25.49 -37.98 2.00
N ILE A 279 24.72 -37.40 2.91
CA ILE A 279 23.66 -36.42 2.55
C ILE A 279 24.33 -35.20 1.90
N GLU A 280 25.59 -34.92 2.26
CA GLU A 280 26.31 -33.71 1.84
C GLU A 280 27.17 -34.01 0.61
N MET A 281 27.77 -35.18 0.53
CA MET A 281 28.50 -35.57 -0.69
C MET A 281 27.48 -35.63 -1.82
N ALA A 282 26.41 -36.38 -1.63
CA ALA A 282 25.32 -36.51 -2.63
C ALA A 282 24.84 -35.13 -3.05
N ARG A 283 24.66 -34.20 -2.11
CA ARG A 283 24.14 -32.87 -2.45
C ARG A 283 25.13 -32.16 -3.39
N PHE A 284 26.43 -32.16 -3.08
CA PHE A 284 27.50 -31.60 -3.95
C PHE A 284 27.44 -32.23 -5.35
N SER A 285 27.73 -33.55 -5.46
CA SER A 285 27.48 -34.42 -6.64
C SER A 285 26.34 -33.89 -7.53
N ALA A 286 25.11 -33.81 -6.99
CA ALA A 286 23.88 -33.38 -7.70
C ALA A 286 24.10 -32.00 -8.31
N GLN A 287 24.32 -30.97 -7.49
CA GLN A 287 24.37 -29.57 -7.98
C GLN A 287 25.63 -29.33 -8.83
N GLU A 288 26.60 -30.26 -8.84
CA GLU A 288 27.72 -30.29 -9.83
C GLU A 288 27.17 -30.52 -11.24
N ARG A 289 26.40 -31.58 -11.47
CA ARG A 289 25.88 -31.94 -12.82
C ARG A 289 24.71 -31.00 -13.21
N GLU A 290 23.96 -30.47 -12.24
CA GLU A 290 22.96 -29.38 -12.45
C GLU A 290 23.67 -28.14 -13.03
N LYS A 291 25.01 -28.13 -13.11
CA LYS A 291 25.81 -27.03 -13.73
C LYS A 291 26.82 -27.59 -14.76
N ALA A 292 26.62 -28.83 -15.24
CA ALA A 292 27.16 -29.37 -16.52
C ALA A 292 26.10 -29.15 -17.62
N ALA A 293 24.83 -29.05 -17.19
CA ALA A 293 23.66 -28.50 -17.92
C ALA A 293 23.71 -26.95 -17.89
N ARG A 294 24.60 -26.36 -18.69
CA ARG A 294 24.51 -24.96 -19.17
C ARG A 294 24.95 -24.96 -20.65
N ARG A 295 26.22 -25.28 -20.96
CA ARG A 295 26.74 -25.72 -22.31
C ARG A 295 27.02 -24.53 -23.26
N PRO A 296 28.05 -23.68 -23.02
CA PRO A 296 28.15 -22.36 -23.66
C PRO A 296 28.87 -22.36 -25.02
N LYS A 297 29.30 -23.75 -25.78
CA LYS A 297 29.74 -24.09 -27.12
C LYS A 297 30.71 -23.20 -27.90
N LEU A 298 31.04 -21.99 -27.44
CA LEU A 298 31.98 -21.30 -28.31
C LEU A 298 33.26 -22.11 -28.52
N ALA A 299 33.27 -22.90 -29.58
CA ALA A 299 34.43 -23.74 -29.89
C ALA A 299 35.70 -22.90 -30.01
N ALA A 300 35.74 -21.79 -29.27
CA ALA A 300 36.90 -20.92 -29.29
C ALA A 300 37.98 -21.41 -28.32
N ALA A 301 38.90 -20.52 -27.98
CA ALA A 301 40.00 -20.83 -27.06
C ALA A 301 40.72 -22.12 -27.43
N LEU A 302 41.38 -22.12 -28.58
CA LEU A 302 42.14 -23.28 -29.07
C LEU A 302 43.14 -22.87 -30.21
N GLU A 303 44.52 -22.82 -29.95
CA GLU A 303 45.66 -22.52 -30.99
C GLU A 303 45.69 -21.08 -31.84
N HIS A 304 45.19 -20.90 -33.13
CA HIS A 304 45.11 -19.61 -33.99
C HIS A 304 46.35 -18.60 -34.15
N HIS A 305 47.91 -15.77 -34.85
CA HIS A 305 48.80 -14.99 -33.93
C HIS A 305 48.02 -14.65 -32.65
N HIS A 306 47.36 -13.48 -32.66
CA HIS A 306 46.20 -13.09 -31.79
C HIS A 306 46.20 -11.56 -31.60
N HIS A 307 45.38 -11.07 -30.65
CA HIS A 307 45.01 -9.66 -30.32
C HIS A 307 46.04 -8.58 -30.70
N HIS A 308 45.57 -7.33 -30.79
CA HIS A 308 46.28 -6.03 -30.62
C HIS A 308 45.84 -5.49 -29.25
N HIS A 309 46.76 -5.13 -28.36
CA HIS A 309 46.51 -4.97 -26.90
C HIS A 309 46.34 -3.49 -26.54
N MET B 1 -33.30 -33.10 -22.76
CA MET B 1 -31.95 -33.68 -23.13
C MET B 1 -31.86 -33.90 -24.64
N ARG B 2 -30.64 -33.72 -25.19
CA ARG B 2 -30.21 -33.95 -26.59
C ARG B 2 -29.08 -34.98 -26.60
N TYR B 3 -29.00 -35.72 -27.67
CA TYR B 3 -28.07 -36.84 -27.75
C TYR B 3 -27.26 -36.61 -29.00
N ARG B 4 -26.01 -37.04 -28.98
CA ARG B 4 -25.08 -36.95 -30.12
C ARG B 4 -24.43 -38.31 -30.34
N PRO B 5 -24.00 -38.60 -31.57
CA PRO B 5 -23.28 -39.83 -31.82
C PRO B 5 -21.91 -39.70 -31.15
N PHE B 6 -21.51 -40.73 -30.42
CA PHE B 6 -20.12 -40.87 -29.92
C PHE B 6 -19.22 -41.14 -31.13
N GLY B 7 -18.64 -40.05 -31.69
CA GLY B 7 -17.77 -40.09 -32.87
C GLY B 7 -18.29 -41.09 -33.90
N SER B 8 -17.61 -42.24 -34.03
CA SER B 8 -17.88 -43.31 -35.04
C SER B 8 -18.30 -44.63 -34.39
N THR B 9 -18.25 -44.73 -33.05
CA THR B 9 -18.54 -45.99 -32.29
C THR B 9 -20.00 -46.45 -32.52
N GLY B 10 -20.85 -45.63 -33.16
CA GLY B 10 -22.25 -45.99 -33.50
C GLY B 10 -23.23 -45.82 -32.34
N VAL B 11 -22.80 -45.60 -31.07
CA VAL B 11 -23.71 -45.48 -29.88
C VAL B 11 -23.99 -43.98 -29.58
N ALA B 12 -25.20 -43.69 -29.07
CA ALA B 12 -25.71 -42.33 -28.78
C ALA B 12 -25.52 -42.03 -27.29
N VAL B 13 -24.99 -40.84 -26.99
CA VAL B 13 -24.74 -40.36 -25.61
C VAL B 13 -25.51 -39.05 -25.46
N SER B 14 -26.03 -38.78 -24.28
CA SER B 14 -26.66 -37.50 -23.93
C SER B 14 -25.62 -36.38 -24.12
N ALA B 15 -26.06 -35.16 -24.42
CA ALA B 15 -25.15 -34.01 -24.58
C ALA B 15 -24.38 -33.73 -23.28
N LEU B 16 -24.89 -34.11 -22.11
CA LEU B 16 -24.14 -34.03 -20.83
C LEU B 16 -23.70 -35.42 -20.40
N THR B 17 -22.51 -35.50 -19.82
CA THR B 17 -21.92 -36.70 -19.20
C THR B 17 -21.69 -36.35 -17.73
N LEU B 18 -22.41 -36.99 -16.81
CA LEU B 18 -22.25 -36.76 -15.35
C LEU B 18 -21.06 -37.58 -14.82
N ARG B 19 -20.12 -36.91 -14.15
CA ARG B 19 -18.88 -37.50 -13.58
C ARG B 19 -19.08 -37.70 -12.10
N LEU B 20 -19.06 -38.96 -11.64
CA LEU B 20 -19.17 -39.33 -10.21
C LEU B 20 -17.76 -39.33 -9.63
N ALA B 21 -17.41 -38.30 -8.88
CA ALA B 21 -16.05 -38.12 -8.35
C ALA B 21 -16.14 -38.41 -6.87
N ASP B 22 -15.25 -39.23 -6.32
CA ASP B 22 -15.35 -39.58 -4.88
C ASP B 22 -15.71 -38.30 -4.13
N ASN B 23 -16.59 -38.40 -3.15
CA ASN B 23 -16.96 -37.21 -2.33
C ASN B 23 -17.40 -37.78 -0.99
N PRO B 24 -16.68 -37.42 0.10
CA PRO B 24 -16.85 -38.06 1.39
C PRO B 24 -18.24 -37.87 2.04
N ARG B 25 -19.10 -37.04 1.45
CA ARG B 25 -20.37 -36.63 2.08
C ARG B 25 -21.56 -37.36 1.48
N LEU B 26 -21.35 -38.31 0.55
CA LEU B 26 -22.48 -39.10 -0.01
C LEU B 26 -22.33 -40.57 0.42
N ARG B 27 -23.33 -41.09 1.13
CA ARG B 27 -23.48 -42.53 1.40
C ARG B 27 -24.01 -43.18 0.11
N ALA B 28 -24.21 -44.48 0.11
CA ALA B 28 -24.50 -45.28 -1.10
C ALA B 28 -25.86 -44.87 -1.67
N ASN B 29 -26.89 -44.74 -0.83
CA ASN B 29 -28.26 -44.37 -1.28
C ASN B 29 -28.22 -43.00 -1.98
N ASP B 30 -27.35 -42.11 -1.50
CA ASP B 30 -27.14 -40.74 -2.05
C ASP B 30 -26.60 -40.85 -3.49
N TRP B 31 -25.58 -41.67 -3.72
CA TRP B 31 -25.02 -41.97 -5.06
C TRP B 31 -26.10 -42.63 -5.93
N ARG B 32 -26.89 -43.53 -5.37
CA ARG B 32 -27.94 -44.21 -6.16
C ARG B 32 -28.90 -43.13 -6.69
N ALA B 33 -29.52 -42.35 -5.81
CA ALA B 33 -30.51 -41.30 -6.16
C ALA B 33 -29.89 -40.22 -7.05
N LEU B 34 -28.58 -39.97 -6.96
CA LEU B 34 -27.88 -39.02 -7.86
C LEU B 34 -28.07 -39.55 -9.26
N VAL B 35 -27.61 -40.78 -9.49
CA VAL B 35 -27.63 -41.45 -10.82
C VAL B 35 -29.09 -41.50 -11.30
N PHE B 36 -30.07 -41.69 -10.41
CA PHE B 36 -31.51 -41.78 -10.78
C PHE B 36 -31.98 -40.44 -11.34
N THR B 37 -31.80 -39.35 -10.61
CA THR B 37 -32.04 -37.97 -11.09
C THR B 37 -31.40 -37.74 -12.46
N ALA B 38 -30.16 -38.20 -12.66
CA ALA B 38 -29.44 -38.11 -13.96
C ALA B 38 -30.25 -38.80 -15.05
N LEU B 39 -30.61 -40.07 -14.85
CA LEU B 39 -31.38 -40.89 -15.82
C LEU B 39 -32.74 -40.23 -16.10
N GLU B 40 -33.48 -39.93 -15.04
CA GLU B 40 -34.79 -39.23 -15.07
C GLU B 40 -34.65 -37.96 -15.90
N ASN B 41 -33.52 -37.25 -15.84
CA ASN B 41 -33.34 -36.00 -16.62
C ASN B 41 -32.73 -36.29 -18.00
N GLY B 42 -32.56 -37.55 -18.41
CA GLY B 42 -32.18 -37.95 -19.77
C GLY B 42 -30.70 -38.30 -19.94
N VAL B 43 -29.87 -37.96 -18.95
CA VAL B 43 -28.39 -38.25 -18.90
C VAL B 43 -28.17 -39.76 -18.90
N ASN B 44 -27.37 -40.25 -19.83
CA ASN B 44 -27.10 -41.71 -20.00
C ASN B 44 -25.59 -41.96 -20.10
N SER B 45 -24.77 -40.90 -20.24
CA SER B 45 -23.28 -40.99 -20.19
C SER B 45 -22.82 -40.69 -18.75
N PHE B 46 -22.23 -41.68 -18.11
CA PHE B 46 -21.57 -41.54 -16.79
C PHE B 46 -20.07 -41.73 -17.01
N GLN B 47 -19.33 -41.13 -16.09
CA GLN B 47 -17.86 -41.25 -15.93
C GLN B 47 -17.64 -41.51 -14.45
N ILE B 48 -17.11 -42.68 -14.09
CA ILE B 48 -16.74 -42.99 -12.68
C ILE B 48 -15.27 -42.58 -12.52
N ASP B 49 -15.05 -41.61 -11.63
CA ASP B 49 -13.75 -41.01 -11.32
C ASP B 49 -13.59 -41.12 -9.82
N GLY B 50 -13.54 -42.35 -9.30
CA GLY B 50 -13.58 -42.65 -7.85
C GLY B 50 -13.67 -44.14 -7.64
N ASP B 51 -13.28 -44.62 -6.47
CA ASP B 51 -13.22 -46.09 -6.23
C ASP B 51 -13.86 -46.42 -4.88
N ALA B 52 -14.44 -45.41 -4.16
CA ALA B 52 -14.97 -45.55 -2.79
C ALA B 52 -16.00 -46.68 -2.75
N PRO B 53 -16.04 -47.49 -1.68
CA PRO B 53 -16.88 -48.69 -1.66
C PRO B 53 -18.31 -48.21 -1.89
N GLU B 54 -18.70 -47.15 -1.18
CA GLU B 54 -20.07 -46.56 -1.16
C GLU B 54 -20.49 -46.06 -2.54
N LEU B 55 -19.56 -45.57 -3.38
CA LEU B 55 -19.88 -44.99 -4.70
C LEU B 55 -20.21 -46.13 -5.67
N LEU B 56 -19.25 -47.02 -5.90
CA LEU B 56 -19.43 -48.18 -6.81
C LEU B 56 -20.73 -48.90 -6.46
N LYS B 57 -21.03 -49.02 -5.16
CA LYS B 57 -22.21 -49.72 -4.60
C LYS B 57 -23.49 -49.07 -5.11
N GLY B 58 -23.64 -47.78 -4.84
CA GLY B 58 -24.81 -46.95 -5.19
C GLY B 58 -24.88 -46.71 -6.68
N ALA B 59 -23.76 -46.42 -7.33
CA ALA B 59 -23.75 -46.19 -8.78
C ALA B 59 -24.06 -47.51 -9.48
N GLY B 60 -23.59 -48.62 -8.91
CA GLY B 60 -23.79 -49.97 -9.48
C GLY B 60 -25.25 -50.36 -9.43
N GLU B 61 -25.89 -50.08 -8.30
CA GLU B 61 -27.32 -50.37 -8.06
C GLU B 61 -28.18 -49.55 -9.03
N ALA B 62 -27.86 -48.28 -9.23
CA ALA B 62 -28.65 -47.40 -10.12
C ALA B 62 -28.47 -47.84 -11.57
N PHE B 63 -27.22 -47.98 -12.04
CA PHE B 63 -26.93 -48.46 -13.42
C PHE B 63 -27.69 -49.76 -13.63
N ALA B 64 -27.59 -50.64 -12.64
CA ALA B 64 -28.20 -51.99 -12.63
C ALA B 64 -29.72 -51.92 -12.93
N SER B 65 -30.42 -50.88 -12.46
CA SER B 65 -31.90 -50.83 -12.52
C SER B 65 -32.44 -50.49 -13.93
N VAL B 66 -31.74 -49.73 -14.79
CA VAL B 66 -32.18 -49.56 -16.21
C VAL B 66 -31.45 -50.60 -17.04
N GLU B 67 -31.76 -50.75 -18.32
CA GLU B 67 -31.09 -51.77 -19.17
C GLU B 67 -29.73 -51.24 -19.62
N ARG B 68 -28.68 -52.06 -19.44
CA ARG B 68 -27.23 -51.76 -19.66
C ARG B 68 -26.99 -51.13 -21.05
N HIS B 69 -27.85 -51.38 -22.04
CA HIS B 69 -27.64 -50.94 -23.44
C HIS B 69 -28.17 -49.51 -23.65
N LEU B 70 -28.66 -48.84 -22.62
CA LEU B 70 -29.08 -47.41 -22.70
C LEU B 70 -27.95 -46.53 -22.20
N LEU B 71 -26.97 -47.15 -21.54
CA LEU B 71 -25.95 -46.47 -20.72
C LEU B 71 -24.64 -46.44 -21.50
N PHE B 72 -23.92 -45.32 -21.44
CA PHE B 72 -22.49 -45.23 -21.84
C PHE B 72 -21.65 -44.99 -20.59
N LEU B 73 -20.94 -46.02 -20.11
CA LEU B 73 -20.12 -45.93 -18.86
C LEU B 73 -18.63 -45.85 -19.18
N THR B 74 -18.04 -44.71 -18.82
CA THR B 74 -16.60 -44.35 -18.99
C THR B 74 -15.90 -44.58 -17.64
N TRP B 75 -14.80 -45.31 -17.58
CA TRP B 75 -14.00 -45.40 -16.33
C TRP B 75 -12.75 -44.56 -16.51
N ARG B 76 -12.53 -43.68 -15.54
CA ARG B 76 -11.49 -42.65 -15.56
C ARG B 76 -10.29 -43.22 -14.81
N LEU B 77 -9.22 -43.59 -15.50
CA LEU B 77 -8.05 -44.26 -14.88
C LEU B 77 -6.89 -43.26 -14.83
N ARG B 78 -6.55 -42.77 -13.63
CA ARG B 78 -5.53 -41.70 -13.49
C ARG B 78 -4.13 -42.30 -13.31
N GLY B 79 -3.25 -41.59 -12.60
CA GLY B 79 -1.85 -41.99 -12.43
C GLY B 79 -1.04 -41.84 -13.73
N ASP B 80 0.31 -41.82 -13.58
CA ASP B 80 1.30 -41.81 -14.69
C ASP B 80 0.93 -42.97 -15.61
N ALA B 81 0.57 -42.63 -16.85
CA ALA B 81 0.17 -43.59 -17.91
C ALA B 81 1.29 -44.62 -18.15
N LYS B 82 2.55 -44.27 -17.87
CA LYS B 82 3.71 -45.15 -18.19
C LYS B 82 4.02 -46.08 -17.02
N GLN B 83 3.20 -46.09 -15.96
CA GLN B 83 3.31 -47.04 -14.82
C GLN B 83 2.19 -48.08 -14.84
N LEU B 84 1.30 -48.03 -15.82
CA LEU B 84 0.18 -49.00 -15.89
C LEU B 84 0.74 -50.33 -16.38
N GLY B 85 0.33 -51.43 -15.74
CA GLY B 85 0.74 -52.80 -16.08
C GLY B 85 -0.31 -53.81 -15.63
N PRO B 86 0.06 -55.07 -15.29
CA PRO B 86 -0.90 -56.10 -14.90
C PRO B 86 -1.73 -55.69 -13.66
N HIS B 87 -1.06 -55.14 -12.63
CA HIS B 87 -1.66 -54.66 -11.35
C HIS B 87 -2.86 -53.77 -11.61
N THR B 88 -2.76 -52.88 -12.61
CA THR B 88 -3.76 -51.86 -12.95
C THR B 88 -5.05 -52.57 -13.36
N LEU B 89 -4.92 -53.63 -14.16
CA LEU B 89 -6.09 -54.38 -14.69
C LEU B 89 -6.70 -55.28 -13.60
N ASP B 90 -5.91 -55.71 -12.60
CA ASP B 90 -6.41 -56.42 -11.41
C ASP B 90 -7.28 -55.45 -10.61
N ALA B 91 -6.81 -54.21 -10.46
CA ALA B 91 -7.55 -53.13 -9.78
C ALA B 91 -8.85 -52.83 -10.57
N LEU B 92 -8.77 -52.82 -11.90
CA LEU B 92 -9.90 -52.48 -12.80
C LEU B 92 -10.96 -53.59 -12.74
N LYS B 93 -10.55 -54.86 -12.81
CA LYS B 93 -11.46 -56.01 -12.56
C LYS B 93 -12.30 -55.73 -11.30
N ARG B 94 -11.66 -55.45 -10.16
CA ARG B 94 -12.31 -55.44 -8.82
C ARG B 94 -13.14 -54.16 -8.65
N SER B 95 -12.68 -53.03 -9.16
CA SER B 95 -13.34 -51.72 -9.02
C SER B 95 -14.46 -51.55 -10.08
N ALA B 96 -14.11 -51.58 -11.37
CA ALA B 96 -15.04 -51.27 -12.49
C ALA B 96 -15.99 -52.44 -12.68
N PHE B 97 -15.48 -53.66 -12.82
CA PHE B 97 -16.28 -54.83 -13.30
C PHE B 97 -17.04 -55.48 -12.14
N GLU B 98 -16.37 -55.88 -11.05
CA GLU B 98 -17.05 -56.45 -9.86
C GLU B 98 -17.77 -55.32 -9.12
N GLY B 99 -17.09 -54.21 -8.87
CA GLY B 99 -17.60 -53.09 -8.05
C GLY B 99 -18.91 -52.52 -8.56
N LEU B 100 -19.05 -52.30 -9.87
CA LEU B 100 -20.26 -51.68 -10.50
C LEU B 100 -21.19 -52.78 -11.01
N SER B 101 -20.68 -54.00 -11.18
CA SER B 101 -21.45 -55.18 -11.67
C SER B 101 -21.71 -55.04 -13.16
N LEU B 102 -20.72 -54.53 -13.91
CA LEU B 102 -20.76 -54.49 -15.40
C LEU B 102 -20.00 -55.71 -15.95
N ASP B 103 -20.32 -56.12 -17.18
CA ASP B 103 -19.65 -57.19 -17.97
C ASP B 103 -18.73 -56.53 -18.99
N TYR B 104 -18.97 -55.26 -19.31
CA TYR B 104 -18.20 -54.47 -20.29
C TYR B 104 -18.21 -52.99 -19.87
N LEU B 105 -17.11 -52.29 -20.14
CA LEU B 105 -17.02 -50.81 -20.10
C LEU B 105 -17.12 -50.29 -21.54
N ASP B 106 -17.91 -49.24 -21.74
CA ASP B 106 -18.05 -48.50 -23.02
C ASP B 106 -16.71 -47.82 -23.35
N LEU B 107 -15.94 -47.43 -22.33
CA LEU B 107 -14.69 -46.64 -22.53
C LEU B 107 -13.89 -46.64 -21.25
N LEU B 108 -12.57 -46.69 -21.41
CA LEU B 108 -11.58 -46.50 -20.34
C LEU B 108 -10.74 -45.27 -20.73
N LEU B 109 -10.58 -44.30 -19.83
CA LEU B 109 -10.04 -42.95 -20.17
C LEU B 109 -8.75 -42.72 -19.37
N ILE B 110 -7.60 -42.80 -20.01
CA ILE B 110 -6.28 -42.82 -19.32
C ILE B 110 -5.67 -41.43 -19.42
N ASN B 111 -4.62 -41.15 -18.65
CA ASN B 111 -3.86 -39.88 -18.81
C ASN B 111 -3.00 -40.01 -20.08
N ASP B 112 -2.58 -38.89 -20.69
CA ASP B 112 -1.68 -38.86 -21.88
C ASP B 112 -0.27 -39.20 -21.45
N PRO B 113 0.33 -40.29 -21.98
CA PRO B 113 1.70 -40.66 -21.58
C PRO B 113 2.78 -39.75 -22.15
N GLN B 114 2.40 -38.58 -22.71
CA GLN B 114 3.15 -37.83 -23.74
C GLN B 114 4.20 -38.76 -24.35
N SER B 115 3.79 -39.59 -25.32
CA SER B 115 4.53 -40.80 -25.80
C SER B 115 3.78 -41.45 -26.97
N ALA B 116 4.51 -41.87 -28.01
CA ALA B 116 3.99 -42.67 -29.12
C ALA B 116 3.19 -43.87 -28.57
N SER B 117 3.66 -44.51 -27.49
CA SER B 117 3.24 -45.88 -27.09
C SER B 117 2.81 -45.96 -25.62
N LEU B 118 1.97 -46.93 -25.29
CA LEU B 118 1.63 -47.38 -23.92
C LEU B 118 2.70 -48.36 -23.44
N PRO B 119 2.70 -48.75 -22.14
CA PRO B 119 3.37 -49.97 -21.71
C PRO B 119 2.87 -51.28 -22.36
N MET B 120 3.79 -52.20 -22.67
CA MET B 120 3.53 -53.49 -23.38
C MET B 120 2.60 -54.37 -22.53
N ALA B 121 2.86 -54.51 -21.23
CA ALA B 121 2.04 -55.29 -20.27
C ALA B 121 0.58 -54.85 -20.36
N PHE B 122 0.36 -53.54 -20.20
CA PHE B 122 -0.96 -52.86 -20.21
C PHE B 122 -1.66 -53.05 -21.56
N GLU B 123 -1.06 -52.59 -22.66
CA GLU B 123 -1.65 -52.63 -24.03
C GLU B 123 -2.14 -54.05 -24.34
N SER B 124 -1.31 -55.05 -24.01
CA SER B 124 -1.64 -56.50 -24.15
C SER B 124 -2.95 -56.78 -23.42
N GLY B 125 -2.99 -56.55 -22.10
CA GLY B 125 -4.19 -56.70 -21.24
C GLY B 125 -5.43 -56.07 -21.84
N LEU B 126 -5.30 -54.88 -22.45
CA LEU B 126 -6.44 -54.15 -23.09
C LEU B 126 -6.96 -54.97 -24.28
N GLN B 127 -6.09 -55.47 -25.16
CA GLN B 127 -6.54 -56.31 -26.31
C GLN B 127 -7.20 -57.57 -25.77
N ASP B 128 -6.80 -58.02 -24.58
CA ASP B 128 -7.38 -59.22 -23.91
C ASP B 128 -8.84 -58.92 -23.53
N LEU B 129 -9.10 -57.77 -22.87
CA LEU B 129 -10.48 -57.28 -22.57
C LEU B 129 -11.28 -57.13 -23.88
N GLN B 130 -10.81 -56.27 -24.79
CA GLN B 130 -11.25 -56.14 -26.20
C GLN B 130 -11.86 -57.48 -26.69
N LYS B 131 -11.02 -58.50 -26.91
CA LYS B 131 -11.47 -59.79 -27.51
C LYS B 131 -12.48 -60.47 -26.57
N GLY B 132 -12.36 -60.28 -25.26
CA GLY B 132 -13.32 -60.77 -24.26
C GLY B 132 -14.65 -60.03 -24.34
N ARG B 133 -14.83 -59.19 -25.38
CA ARG B 133 -16.02 -58.32 -25.63
C ARG B 133 -16.26 -57.40 -24.43
N ALA B 134 -15.21 -57.00 -23.69
CA ALA B 134 -15.33 -56.43 -22.32
C ALA B 134 -14.89 -54.96 -22.20
N LEU B 135 -14.45 -54.34 -23.30
CA LEU B 135 -14.01 -52.93 -23.33
C LEU B 135 -14.17 -52.41 -24.75
N ARG B 136 -15.19 -51.57 -24.99
CA ARG B 136 -15.53 -51.03 -26.32
C ARG B 136 -14.39 -50.17 -26.85
N GLY B 137 -13.71 -49.41 -26.00
CA GLY B 137 -12.77 -48.38 -26.48
C GLY B 137 -11.80 -47.94 -25.43
N LEU B 138 -10.67 -47.40 -25.86
CA LEU B 138 -9.70 -46.66 -25.03
C LEU B 138 -9.86 -45.17 -25.31
N GLY B 139 -9.49 -44.33 -24.35
CA GLY B 139 -9.60 -42.88 -24.49
C GLY B 139 -8.44 -42.22 -23.79
N VAL B 140 -7.98 -41.09 -24.33
CA VAL B 140 -6.80 -40.38 -23.82
C VAL B 140 -7.22 -38.94 -23.51
N ALA B 141 -7.35 -38.57 -22.24
CA ALA B 141 -7.53 -37.17 -21.80
C ALA B 141 -6.17 -36.49 -21.82
N SER B 142 -6.12 -35.21 -22.21
CA SER B 142 -4.87 -34.49 -22.53
C SER B 142 -5.14 -32.99 -22.62
N ARG B 143 -4.16 -32.13 -22.30
CA ARG B 143 -4.30 -30.66 -22.39
C ARG B 143 -3.62 -30.12 -23.65
N GLY B 144 -2.47 -30.70 -24.03
CA GLY B 144 -1.78 -30.39 -25.30
C GLY B 144 -2.20 -31.34 -26.40
N ASP B 145 -1.32 -31.52 -27.40
CA ASP B 145 -1.52 -32.40 -28.59
C ASP B 145 -1.06 -33.84 -28.25
N ILE B 146 -2.01 -34.79 -28.18
CA ILE B 146 -1.72 -36.25 -28.09
C ILE B 146 -0.84 -36.62 -29.28
N ASP B 147 0.09 -37.56 -29.12
CA ASP B 147 1.07 -37.99 -30.16
C ASP B 147 0.33 -38.68 -31.31
N PRO B 148 0.57 -38.30 -32.59
CA PRO B 148 -0.18 -38.87 -33.72
C PRO B 148 -0.06 -40.39 -33.78
N GLY B 149 1.10 -40.91 -33.38
CA GLY B 149 1.39 -42.34 -33.16
C GLY B 149 0.37 -42.96 -32.23
N LEU B 150 0.18 -42.39 -31.03
CA LEU B 150 -0.75 -42.93 -30.00
C LEU B 150 -2.17 -42.93 -30.57
N LEU B 151 -2.60 -41.81 -31.17
CA LEU B 151 -3.92 -41.65 -31.83
C LEU B 151 -4.10 -42.73 -32.90
N ALA B 152 -3.00 -43.15 -33.53
CA ALA B 152 -2.99 -44.23 -34.55
C ALA B 152 -3.42 -45.58 -33.94
N ASN B 153 -3.06 -45.85 -32.68
CA ASN B 153 -3.47 -47.10 -31.96
C ASN B 153 -4.97 -47.33 -32.19
N ASP B 154 -5.34 -48.59 -32.40
CA ASP B 154 -6.72 -49.02 -32.77
C ASP B 154 -7.53 -49.23 -31.50
N LEU B 155 -6.89 -49.29 -30.35
CA LEU B 155 -7.62 -49.29 -29.06
C LEU B 155 -8.24 -47.91 -28.90
N VAL B 156 -7.58 -46.86 -29.41
CA VAL B 156 -7.89 -45.44 -29.10
C VAL B 156 -9.07 -44.97 -29.98
N THR B 157 -10.27 -44.82 -29.37
CA THR B 157 -11.56 -44.44 -30.01
C THR B 157 -12.07 -43.09 -29.47
N ALA B 158 -11.32 -42.35 -28.64
CA ALA B 158 -11.80 -41.08 -28.03
C ALA B 158 -10.68 -40.25 -27.41
N VAL B 159 -10.87 -38.95 -27.35
CA VAL B 159 -10.04 -38.03 -26.52
C VAL B 159 -10.95 -37.18 -25.61
N SER B 160 -10.42 -36.67 -24.52
CA SER B 160 -11.11 -35.66 -23.69
C SER B 160 -10.13 -34.51 -23.49
N SER B 161 -10.63 -33.30 -23.34
CA SER B 161 -9.86 -32.04 -23.43
C SER B 161 -10.62 -30.92 -22.76
N PRO B 162 -9.96 -29.98 -22.06
CA PRO B 162 -10.64 -28.78 -21.61
C PRO B 162 -11.01 -28.05 -22.90
N TYR B 163 -12.31 -27.83 -23.10
CA TYR B 163 -12.86 -26.79 -24.00
C TYR B 163 -13.86 -25.99 -23.18
N ASN B 164 -13.79 -24.66 -23.30
CA ASN B 164 -14.71 -23.77 -22.57
C ASN B 164 -14.70 -22.38 -23.17
N LEU B 165 -15.61 -21.55 -22.65
CA LEU B 165 -15.60 -20.07 -22.77
C LEU B 165 -14.20 -19.46 -23.05
N SER B 166 -13.19 -19.82 -22.25
CA SER B 166 -11.84 -19.20 -22.22
C SER B 166 -10.98 -19.72 -23.37
N SER B 167 -11.27 -20.90 -23.91
CA SER B 167 -10.38 -21.68 -24.82
C SER B 167 -10.00 -20.83 -26.05
N GLY B 168 -8.74 -20.96 -26.50
CA GLY B 168 -8.22 -20.34 -27.74
C GLY B 168 -8.58 -21.16 -28.97
N TRP B 169 -8.54 -20.54 -30.16
CA TRP B 169 -8.73 -21.21 -31.48
C TRP B 169 -7.59 -22.24 -31.66
N ALA B 170 -6.40 -21.93 -31.11
CA ALA B 170 -5.37 -22.91 -30.67
C ALA B 170 -6.08 -24.18 -30.16
N GLU B 171 -6.43 -24.19 -28.85
CA GLU B 171 -7.21 -25.23 -28.14
C GLU B 171 -8.35 -25.78 -29.03
N ARG B 172 -9.13 -24.94 -29.69
CA ARG B 172 -10.38 -25.34 -30.40
C ARG B 172 -10.09 -26.24 -31.59
N HIS B 173 -9.17 -25.83 -32.47
CA HIS B 173 -8.77 -26.51 -33.72
C HIS B 173 -8.48 -28.00 -33.46
N ARG B 174 -7.70 -28.29 -32.41
CA ARG B 174 -7.28 -29.66 -32.02
C ARG B 174 -8.51 -30.56 -31.86
N ILE B 175 -9.45 -30.13 -31.02
CA ILE B 175 -10.78 -30.75 -30.75
C ILE B 175 -11.53 -30.98 -32.06
N ARG B 176 -11.41 -30.05 -33.00
CA ARG B 176 -12.11 -30.12 -34.31
C ARG B 176 -11.43 -31.15 -35.22
N GLN B 177 -10.10 -31.12 -35.31
CA GLN B 177 -9.31 -32.10 -36.10
C GLN B 177 -9.69 -33.50 -35.61
N ALA B 178 -9.57 -33.74 -34.31
CA ALA B 178 -9.87 -35.01 -33.63
C ALA B 178 -11.21 -35.56 -34.14
N SER B 179 -12.24 -34.70 -34.11
CA SER B 179 -13.63 -34.96 -34.53
C SER B 179 -13.65 -35.41 -35.99
N GLN B 180 -12.88 -34.74 -36.86
CA GLN B 180 -12.83 -35.04 -38.32
C GLN B 180 -12.14 -36.39 -38.54
N ASN B 181 -11.05 -36.65 -37.81
CA ASN B 181 -10.35 -37.96 -37.83
C ASN B 181 -11.14 -39.03 -37.06
N ASN B 182 -12.43 -38.79 -36.82
CA ASN B 182 -13.42 -39.80 -36.33
C ASN B 182 -13.23 -40.20 -34.86
N PHE B 183 -12.32 -39.55 -34.11
CA PHE B 183 -12.25 -39.62 -32.63
C PHE B 183 -13.49 -38.91 -32.03
N ALA B 184 -14.08 -39.47 -30.97
CA ALA B 184 -15.15 -38.83 -30.16
C ALA B 184 -14.48 -37.90 -29.16
N VAL B 185 -14.96 -36.70 -28.99
CA VAL B 185 -14.27 -35.74 -28.10
C VAL B 185 -15.16 -35.46 -26.89
N ILE B 186 -14.60 -35.62 -25.68
CA ILE B 186 -15.31 -35.34 -24.41
C ILE B 186 -14.84 -33.98 -23.93
N GLY B 187 -15.77 -33.07 -23.67
CA GLY B 187 -15.48 -31.70 -23.19
C GLY B 187 -15.32 -31.70 -21.70
N GLU B 188 -14.41 -30.91 -21.14
CA GLU B 188 -14.18 -30.90 -19.68
C GLU B 188 -14.46 -29.48 -19.16
N ASP B 189 -13.68 -29.08 -18.16
CA ASP B 189 -13.68 -27.81 -17.36
C ASP B 189 -14.50 -26.67 -17.98
N PHE B 190 -15.82 -26.78 -18.12
CA PHE B 190 -16.63 -25.91 -19.00
C PHE B 190 -16.78 -24.51 -18.38
N TRP B 191 -16.76 -24.49 -17.06
CA TRP B 191 -16.63 -23.31 -16.17
C TRP B 191 -15.22 -23.33 -15.61
N PRO B 192 -14.37 -22.36 -16.02
CA PRO B 192 -12.98 -22.36 -15.60
C PRO B 192 -12.68 -21.64 -14.29
N GLN B 193 -11.47 -21.87 -13.80
CA GLN B 193 -10.88 -21.27 -12.58
C GLN B 193 -10.88 -19.74 -12.70
N ALA B 194 -10.15 -19.19 -13.68
CA ALA B 194 -9.97 -17.72 -13.84
C ALA B 194 -11.25 -16.95 -13.44
N LEU B 195 -12.47 -17.50 -13.64
CA LEU B 195 -13.76 -16.79 -13.57
C LEU B 195 -14.67 -17.38 -12.49
N ARG B 196 -14.12 -17.99 -11.42
CA ARG B 196 -14.93 -18.63 -10.34
C ARG B 196 -15.20 -17.60 -9.21
N GLU B 197 -14.21 -16.72 -8.99
CA GLU B 197 -14.16 -15.53 -8.07
C GLU B 197 -15.31 -15.59 -7.04
N VAL B 219 -12.57 -2.56 -25.31
CA VAL B 219 -12.64 -3.34 -24.03
C VAL B 219 -13.87 -4.25 -24.14
N GLY B 220 -13.93 -5.28 -23.29
CA GLY B 220 -15.09 -6.13 -22.96
C GLY B 220 -15.11 -6.35 -21.45
N GLY B 221 -14.74 -7.55 -20.99
CA GLY B 221 -14.73 -7.94 -19.56
C GLY B 221 -15.94 -8.81 -19.21
N TYR B 222 -15.86 -9.59 -18.13
CA TYR B 222 -16.73 -10.76 -17.89
C TYR B 222 -17.92 -10.40 -16.99
N GLU B 223 -18.34 -9.14 -16.95
CA GLU B 223 -19.39 -8.68 -16.00
C GLU B 223 -20.73 -9.28 -16.38
N PHE B 224 -21.01 -9.36 -17.68
CA PHE B 224 -22.26 -9.93 -18.29
C PHE B 224 -22.48 -11.37 -17.81
N LEU B 225 -21.44 -12.05 -17.30
CA LEU B 225 -21.55 -13.46 -16.82
C LEU B 225 -22.56 -13.54 -15.67
N THR B 226 -22.72 -12.46 -14.91
CA THR B 226 -23.55 -12.44 -13.69
C THR B 226 -24.72 -11.47 -13.89
N ASN B 227 -24.66 -10.55 -14.86
CA ASN B 227 -25.70 -9.51 -15.12
C ASN B 227 -26.80 -9.99 -16.05
N THR B 228 -26.63 -11.11 -16.74
CA THR B 228 -27.56 -11.54 -17.81
C THR B 228 -28.87 -11.98 -17.16
N PRO B 229 -30.01 -11.27 -17.41
CA PRO B 229 -31.30 -11.64 -16.83
C PRO B 229 -31.66 -13.07 -17.27
N GLY B 230 -31.93 -13.94 -16.31
CA GLY B 230 -32.39 -15.33 -16.56
C GLY B 230 -31.27 -16.34 -16.44
N TRP B 231 -30.01 -15.92 -16.60
CA TRP B 231 -28.85 -16.86 -16.69
C TRP B 231 -27.91 -16.68 -15.51
N SER B 232 -27.39 -17.80 -14.96
CA SER B 232 -26.22 -17.86 -14.05
C SER B 232 -24.92 -18.02 -14.87
N ALA B 233 -23.75 -17.92 -14.26
CA ALA B 233 -22.49 -18.14 -15.00
C ALA B 233 -22.26 -19.65 -15.23
N GLU B 234 -22.41 -20.55 -14.22
CA GLU B 234 -22.33 -22.04 -14.43
C GLU B 234 -23.10 -22.21 -15.76
N ASP B 235 -24.32 -21.66 -15.81
CA ASP B 235 -25.29 -21.87 -16.92
C ASP B 235 -24.77 -21.27 -18.23
N ILE B 236 -24.40 -19.98 -18.27
CA ILE B 236 -23.89 -19.35 -19.52
C ILE B 236 -22.73 -20.19 -20.05
N CYS B 237 -21.82 -20.57 -19.16
CA CYS B 237 -20.55 -21.24 -19.55
C CYS B 237 -20.84 -22.60 -20.18
N LEU B 238 -21.75 -23.36 -19.56
CA LEU B 238 -22.23 -24.67 -20.07
C LEU B 238 -22.92 -24.42 -21.42
N GLY B 239 -23.64 -23.30 -21.51
CA GLY B 239 -24.27 -22.81 -22.74
C GLY B 239 -23.31 -22.87 -23.91
N TYR B 240 -22.14 -22.24 -23.75
CA TYR B 240 -21.13 -22.08 -24.83
C TYR B 240 -20.57 -23.47 -25.20
N ALA B 241 -20.07 -24.20 -24.21
CA ALA B 241 -19.52 -25.56 -24.40
C ALA B 241 -20.41 -26.39 -25.32
N LEU B 242 -21.74 -26.23 -25.22
CA LEU B 242 -22.73 -27.09 -25.92
C LEU B 242 -22.87 -26.67 -27.39
N THR B 243 -22.38 -25.48 -27.78
CA THR B 243 -22.48 -24.94 -29.16
C THR B 243 -21.35 -25.51 -30.03
N GLU B 244 -20.27 -26.00 -29.41
CA GLU B 244 -19.14 -26.68 -30.13
C GLU B 244 -19.57 -28.06 -30.65
N PRO B 245 -19.72 -28.22 -31.98
CA PRO B 245 -20.11 -29.51 -32.54
C PRO B 245 -19.02 -30.60 -32.43
N SER B 246 -17.74 -30.19 -32.47
CA SER B 246 -16.57 -31.08 -32.27
C SER B 246 -16.76 -31.98 -31.06
N LEU B 247 -17.38 -31.45 -29.99
CA LEU B 247 -17.65 -32.18 -28.72
C LEU B 247 -18.88 -33.12 -28.85
N ALA B 248 -18.69 -34.41 -28.57
CA ALA B 248 -19.78 -35.41 -28.57
C ALA B 248 -20.55 -35.29 -27.26
N THR B 249 -19.97 -34.67 -26.24
CA THR B 249 -20.62 -34.56 -24.91
C THR B 249 -19.77 -33.67 -24.01
N VAL B 250 -20.42 -32.85 -23.21
CA VAL B 250 -19.80 -31.96 -22.20
C VAL B 250 -19.85 -32.70 -20.87
N ARG B 251 -18.72 -32.76 -20.16
CA ARG B 251 -18.64 -33.37 -18.81
C ARG B 251 -19.07 -32.33 -17.79
N VAL B 252 -19.95 -32.79 -16.88
CA VAL B 252 -20.48 -32.06 -15.70
C VAL B 252 -20.28 -32.94 -14.47
N THR B 253 -20.38 -32.37 -13.27
CA THR B 253 -20.04 -32.95 -11.94
C THR B 253 -21.03 -32.38 -10.94
N ALA B 254 -21.65 -33.22 -10.10
CA ALA B 254 -22.85 -32.83 -9.33
C ALA B 254 -22.86 -33.42 -7.90
N ASP B 255 -22.52 -32.57 -6.91
CA ASP B 255 -22.67 -32.77 -5.44
C ASP B 255 -24.05 -33.45 -5.25
N ASN B 256 -25.06 -33.12 -6.05
CA ASN B 256 -26.49 -33.19 -5.63
C ASN B 256 -27.47 -33.01 -6.81
N ARG B 257 -28.75 -33.02 -6.47
CA ARG B 257 -29.90 -33.31 -7.37
C ARG B 257 -30.40 -32.04 -8.08
N GLN B 258 -30.56 -30.95 -7.34
CA GLN B 258 -30.92 -29.63 -7.90
C GLN B 258 -29.88 -29.24 -8.96
N GLU B 259 -28.59 -29.56 -8.80
CA GLU B 259 -27.54 -29.13 -9.78
C GLU B 259 -27.80 -29.89 -11.09
N ILE B 260 -27.95 -31.22 -11.02
CA ILE B 260 -28.14 -32.06 -12.23
C ILE B 260 -29.35 -31.53 -12.98
N GLU B 261 -30.37 -31.13 -12.23
CA GLU B 261 -31.61 -30.59 -12.82
C GLU B 261 -31.29 -29.31 -13.57
N ARG B 262 -30.57 -28.37 -12.97
CA ARG B 262 -30.37 -27.02 -13.56
C ARG B 262 -29.49 -27.07 -14.82
N LEU B 263 -28.61 -28.07 -14.94
CA LEU B 263 -27.61 -28.20 -16.05
C LEU B 263 -28.23 -28.96 -17.22
N ALA B 264 -29.04 -29.97 -16.95
CA ALA B 264 -29.80 -30.70 -18.01
C ALA B 264 -30.80 -29.73 -18.68
N ALA B 265 -31.22 -28.68 -17.95
CA ALA B 265 -32.15 -27.63 -18.43
C ALA B 265 -31.41 -26.76 -19.43
N VAL B 266 -30.17 -26.42 -19.13
CA VAL B 266 -29.32 -25.57 -20.02
C VAL B 266 -29.23 -26.19 -21.42
N VAL B 267 -29.40 -27.49 -21.57
CA VAL B 267 -29.21 -28.14 -22.90
C VAL B 267 -30.32 -27.74 -23.89
N GLU B 268 -31.50 -27.46 -23.37
CA GLU B 268 -32.73 -27.15 -24.15
C GLU B 268 -32.84 -25.63 -24.33
N ARG B 269 -32.08 -24.84 -23.57
CA ARG B 269 -32.08 -23.38 -23.73
C ARG B 269 -31.06 -22.94 -24.78
N ASP B 270 -31.37 -21.78 -25.36
CA ASP B 270 -30.64 -21.11 -26.47
C ASP B 270 -29.85 -19.95 -25.86
N LEU B 271 -28.53 -19.93 -26.01
CA LEU B 271 -27.73 -18.80 -25.47
C LEU B 271 -28.17 -17.52 -26.17
N PRO B 272 -28.56 -16.45 -25.44
CA PRO B 272 -28.97 -15.20 -26.08
C PRO B 272 -27.80 -14.65 -26.90
N THR B 273 -28.08 -14.18 -28.12
CA THR B 273 -27.04 -13.85 -29.15
C THR B 273 -26.25 -12.63 -28.66
N GLY B 274 -26.82 -11.83 -27.75
CA GLY B 274 -26.09 -10.81 -26.98
C GLY B 274 -24.92 -11.42 -26.25
N VAL B 275 -25.19 -12.41 -25.39
CA VAL B 275 -24.19 -13.12 -24.54
C VAL B 275 -23.13 -13.76 -25.44
N CYS B 276 -23.49 -14.31 -26.60
CA CYS B 276 -22.52 -14.98 -27.50
C CYS B 276 -21.45 -14.01 -27.99
N ALA B 277 -21.86 -12.77 -28.29
CA ALA B 277 -21.01 -11.70 -28.84
C ALA B 277 -20.06 -11.21 -27.74
N GLN B 278 -20.60 -11.05 -26.54
CA GLN B 278 -19.83 -10.57 -25.36
C GLN B 278 -18.87 -11.68 -24.94
N ILE B 279 -19.22 -12.92 -25.18
CA ILE B 279 -18.34 -14.06 -24.81
C ILE B 279 -17.04 -13.98 -25.62
N GLU B 280 -17.10 -13.37 -26.81
CA GLU B 280 -15.96 -13.31 -27.76
C GLU B 280 -15.18 -12.00 -27.56
N MET B 281 -15.86 -10.89 -27.29
CA MET B 281 -15.16 -9.63 -26.97
C MET B 281 -14.38 -9.87 -25.69
N ALA B 282 -15.04 -10.34 -24.65
CA ALA B 282 -14.39 -10.62 -23.36
C ALA B 282 -13.19 -11.54 -23.58
N ARG B 283 -13.31 -12.56 -24.41
CA ARG B 283 -12.21 -13.53 -24.62
C ARG B 283 -11.00 -12.78 -25.21
N PHE B 284 -11.19 -11.96 -26.24
CA PHE B 284 -10.13 -11.10 -26.83
C PHE B 284 -9.46 -10.24 -25.75
N SER B 285 -10.21 -9.29 -25.16
CA SER B 285 -9.87 -8.52 -23.93
C SER B 285 -8.89 -9.28 -23.02
N ALA B 286 -9.30 -10.45 -22.51
CA ALA B 286 -8.53 -11.29 -21.56
C ALA B 286 -7.17 -11.62 -22.16
N GLN B 287 -7.12 -12.34 -23.28
CA GLN B 287 -5.83 -12.85 -23.86
C GLN B 287 -4.98 -11.67 -24.38
N GLU B 288 -5.55 -10.46 -24.51
CA GLU B 288 -4.78 -9.21 -24.79
C GLU B 288 -3.89 -8.87 -23.61
N ARG B 289 -4.44 -8.78 -22.39
CA ARG B 289 -3.65 -8.40 -21.19
C ARG B 289 -2.77 -9.57 -20.71
N GLU B 290 -3.17 -10.82 -20.98
CA GLU B 290 -2.30 -12.03 -20.79
C GLU B 290 -1.05 -11.91 -21.67
N LYS B 291 -0.96 -10.88 -22.54
CA LYS B 291 0.24 -10.57 -23.38
C LYS B 291 0.66 -9.09 -23.24
N ALA B 292 0.21 -8.40 -22.18
CA ALA B 292 0.82 -7.17 -21.60
C ALA B 292 1.76 -7.60 -20.46
N ALA B 293 1.48 -8.78 -19.87
CA ALA B 293 2.37 -9.59 -19.01
C ALA B 293 3.37 -10.39 -19.88
N ARG B 294 4.37 -9.69 -20.43
CA ARG B 294 5.68 -10.25 -20.88
C ARG B 294 6.73 -9.17 -20.53
N ARG B 295 6.63 -7.95 -21.11
CA ARG B 295 7.30 -6.68 -20.66
C ARG B 295 8.72 -6.54 -21.22
N PRO B 296 8.91 -6.23 -22.54
CA PRO B 296 10.25 -6.06 -23.12
C PRO B 296 10.74 -4.60 -23.05
N LYS B 297 11.67 -4.87 -21.92
CA LYS B 297 12.49 -3.79 -21.39
C LYS B 297 13.69 -3.25 -22.15
N LEU B 298 14.12 -3.85 -23.26
CA LEU B 298 15.26 -3.18 -23.87
C LEU B 298 14.95 -1.72 -24.20
N ALA B 299 15.24 -0.83 -23.27
CA ALA B 299 14.99 0.59 -23.45
C ALA B 299 15.64 1.11 -24.73
N ALA B 300 15.79 0.23 -25.71
CA ALA B 300 16.40 0.62 -26.98
C ALA B 300 15.38 1.24 -27.92
N ALA B 301 15.72 1.30 -29.21
CA ALA B 301 14.84 1.87 -30.23
C ALA B 301 14.32 3.25 -29.84
N LEU B 302 15.23 4.22 -29.73
CA LEU B 302 14.89 5.59 -29.39
C LEU B 302 16.05 6.60 -29.76
N GLU B 303 15.92 7.45 -30.86
CA GLU B 303 16.94 8.57 -31.29
C GLU B 303 18.52 8.16 -31.69
N HIS B 304 19.62 8.25 -30.82
CA HIS B 304 21.10 7.85 -31.05
C HIS B 304 21.91 8.28 -32.38
N HIS B 305 24.17 8.25 -35.37
CA HIS B 305 23.80 7.93 -36.78
C HIS B 305 23.05 6.59 -36.83
N HIS B 306 23.80 5.48 -36.96
CA HIS B 306 23.41 4.05 -36.73
C HIS B 306 24.17 3.14 -37.72
N HIS B 307 23.77 1.85 -37.81
CA HIS B 307 24.41 0.65 -38.45
C HIS B 307 25.53 0.92 -39.48
N HIS B 308 26.42 -0.08 -39.68
CA HIS B 308 27.20 -0.42 -40.91
C HIS B 308 26.52 -1.61 -41.60
N HIS B 309 26.16 -1.49 -42.88
CA HIS B 309 25.26 -2.44 -43.59
C HIS B 309 26.08 -3.37 -44.48
N MET C 1 15.86 21.15 34.54
CA MET C 1 15.83 22.58 34.09
C MET C 1 16.81 23.45 34.89
N ARG C 2 17.37 24.45 34.20
CA ARG C 2 18.29 25.50 34.70
C ARG C 2 17.66 26.87 34.44
N TYR C 3 17.99 27.81 35.29
CA TYR C 3 17.34 29.13 35.27
C TYR C 3 18.46 30.13 35.22
N ARG C 4 18.23 31.23 34.53
CA ARG C 4 19.20 32.34 34.32
C ARG C 4 18.49 33.64 34.61
N PRO C 5 19.22 34.67 35.04
CA PRO C 5 18.60 35.95 35.34
C PRO C 5 18.22 36.58 33.99
N PHE C 6 17.01 37.11 33.90
CA PHE C 6 16.58 37.93 32.74
C PHE C 6 17.35 39.27 32.81
N GLY C 7 18.51 39.30 32.12
CA GLY C 7 19.45 40.44 32.11
C GLY C 7 19.55 41.08 33.49
N SER C 8 18.93 42.26 33.66
CA SER C 8 18.97 43.09 34.90
C SER C 8 17.57 43.27 35.49
N THR C 9 16.51 42.77 34.83
CA THR C 9 15.09 42.95 35.26
C THR C 9 14.87 42.28 36.64
N GLY C 10 15.82 41.47 37.16
CA GLY C 10 15.73 40.86 38.50
C GLY C 10 14.75 39.69 38.62
N VAL C 11 14.06 39.24 37.55
CA VAL C 11 13.27 37.95 37.52
C VAL C 11 14.13 36.85 36.85
N ALA C 12 13.92 35.59 37.25
CA ALA C 12 14.62 34.36 36.77
C ALA C 12 13.72 33.65 35.76
N VAL C 13 14.30 33.17 34.66
CA VAL C 13 13.59 32.44 33.58
C VAL C 13 14.30 31.11 33.41
N SER C 14 13.56 30.06 33.07
CA SER C 14 14.14 28.75 32.71
C SER C 14 15.04 28.94 31.48
N ALA C 15 16.03 28.08 31.30
CA ALA C 15 16.97 28.15 30.16
C ALA C 15 16.25 27.97 28.83
N LEU C 16 15.09 27.31 28.80
CA LEU C 16 14.21 27.22 27.60
C LEU C 16 13.00 28.10 27.80
N THR C 17 12.56 28.72 26.72
CA THR C 17 11.31 29.50 26.62
C THR C 17 10.45 28.82 25.56
N LEU C 18 9.32 28.23 25.95
CA LEU C 18 8.40 27.56 24.99
C LEU C 18 7.50 28.60 24.31
N ARG C 19 7.48 28.61 22.97
CA ARG C 19 6.71 29.56 22.15
C ARG C 19 5.46 28.86 21.64
N LEU C 20 4.29 29.33 22.06
CA LEU C 20 2.98 28.80 21.62
C LEU C 20 2.58 29.54 20.34
N ALA C 21 2.71 28.91 19.20
CA ALA C 21 2.45 29.53 17.89
C ALA C 21 1.14 28.97 17.40
N ASP C 22 0.23 29.81 16.92
CA ASP C 22 -1.10 29.33 16.48
C ASP C 22 -0.88 28.01 15.76
N ASN C 23 -1.74 27.04 15.98
CA ASN C 23 -1.61 25.76 15.27
C ASN C 23 -2.99 25.15 15.20
N PRO C 24 -3.55 24.96 13.98
CA PRO C 24 -4.94 24.56 13.81
C PRO C 24 -5.31 23.18 14.38
N ARG C 25 -4.32 22.40 14.82
CA ARG C 25 -4.49 20.98 15.19
C ARG C 25 -4.51 20.81 16.70
N LEU C 26 -4.44 21.87 17.49
CA LEU C 26 -4.59 21.76 18.96
C LEU C 26 -5.86 22.50 19.38
N ARG C 27 -6.80 21.78 19.99
CA ARG C 27 -7.97 22.35 20.69
C ARG C 27 -7.48 22.94 22.01
N ALA C 28 -8.37 23.50 22.83
CA ALA C 28 -8.00 24.26 24.02
C ALA C 28 -7.32 23.36 25.05
N ASN C 29 -7.91 22.19 25.33
CA ASN C 29 -7.37 21.22 26.32
C ASN C 29 -5.96 20.79 25.91
N ASP C 30 -5.69 20.70 24.60
CA ASP C 30 -4.38 20.32 24.03
C ASP C 30 -3.33 21.39 24.38
N TRP C 31 -3.66 22.67 24.20
CA TRP C 31 -2.81 23.82 24.62
C TRP C 31 -2.64 23.79 26.13
N ARG C 32 -3.69 23.48 26.87
CA ARG C 32 -3.58 23.46 28.35
C ARG C 32 -2.52 22.44 28.74
N ALA C 33 -2.67 21.18 28.32
CA ALA C 33 -1.76 20.05 28.67
C ALA C 33 -0.35 20.31 28.13
N LEU C 34 -0.21 21.06 27.04
CA LEU C 34 1.12 21.45 26.51
C LEU C 34 1.81 22.23 27.61
N VAL C 35 1.18 23.33 28.03
CA VAL C 35 1.73 24.28 29.02
C VAL C 35 1.99 23.51 30.33
N PHE C 36 1.16 22.53 30.67
CA PHE C 36 1.31 21.71 31.92
C PHE C 36 2.63 20.91 31.84
N THR C 37 2.80 20.11 30.79
CA THR C 37 4.07 19.41 30.50
C THR C 37 5.28 20.36 30.60
N ALA C 38 5.17 21.57 30.06
CA ALA C 38 6.22 22.60 30.13
C ALA C 38 6.54 22.91 31.59
N LEU C 39 5.54 23.26 32.41
CA LEU C 39 5.69 23.59 33.85
C LEU C 39 6.30 22.40 34.62
N GLU C 40 5.69 21.23 34.45
CA GLU C 40 6.13 19.93 35.03
C GLU C 40 7.60 19.70 34.65
N ASN C 41 8.05 20.12 33.47
CA ASN C 41 9.47 19.94 33.08
C ASN C 41 10.32 21.14 33.50
N GLY C 42 9.77 22.11 34.25
CA GLY C 42 10.52 23.23 34.86
C GLY C 42 10.47 24.53 34.08
N VAL C 43 10.01 24.50 32.84
CA VAL C 43 9.84 25.66 31.91
C VAL C 43 8.82 26.63 32.52
N ASN C 44 9.23 27.89 32.66
CA ASN C 44 8.40 28.95 33.27
C ASN C 44 8.33 30.18 32.37
N SER C 45 9.15 30.23 31.31
CA SER C 45 9.12 31.30 30.28
C SER C 45 8.28 30.80 29.10
N PHE C 46 7.16 31.48 28.87
CA PHE C 46 6.30 31.27 27.68
C PHE C 46 6.39 32.53 26.82
N GLN C 47 6.16 32.33 25.53
CA GLN C 47 5.98 33.37 24.49
C GLN C 47 4.71 32.98 23.74
N ILE C 48 3.67 33.83 23.82
CA ILE C 48 2.43 33.62 23.01
C ILE C 48 2.62 34.37 21.68
N ASP C 49 2.62 33.60 20.60
CA ASP C 49 2.82 34.05 19.21
C ASP C 49 1.63 33.56 18.42
N GLY C 50 0.44 34.04 18.78
CA GLY C 50 -0.85 33.63 18.20
C GLY C 50 -1.97 34.27 18.98
N ASP C 51 -3.18 34.32 18.42
CA ASP C 51 -4.31 34.95 19.14
C ASP C 51 -5.56 34.08 18.97
N ALA C 52 -5.43 32.86 18.44
CA ALA C 52 -6.55 31.90 18.21
C ALA C 52 -7.35 31.73 19.48
N PRO C 53 -8.70 31.63 19.38
CA PRO C 53 -9.54 31.66 20.56
C PRO C 53 -9.08 30.49 21.44
N GLU C 54 -8.88 29.32 20.81
CA GLU C 54 -8.56 28.02 21.44
C GLU C 54 -7.22 28.09 22.20
N LEU C 55 -6.25 28.86 21.73
CA LEU C 55 -4.90 28.93 22.32
C LEU C 55 -4.97 29.75 23.60
N LEU C 56 -5.37 31.01 23.51
CA LEU C 56 -5.47 31.92 24.68
C LEU C 56 -6.28 31.24 25.77
N LYS C 57 -7.31 30.48 25.40
CA LYS C 57 -8.25 29.78 26.31
C LYS C 57 -7.47 28.77 27.16
N GLY C 58 -6.81 27.83 26.46
CA GLY C 58 -6.04 26.74 27.05
C GLY C 58 -4.78 27.22 27.71
N ALA C 59 -4.06 28.14 27.09
CA ALA C 59 -2.83 28.70 27.68
C ALA C 59 -3.21 29.53 28.90
N GLY C 60 -4.35 30.21 28.84
CA GLY C 60 -4.83 31.05 29.96
C GLY C 60 -5.19 30.20 31.17
N GLU C 61 -5.88 29.09 30.92
CA GLU C 61 -6.30 28.13 31.95
C GLU C 61 -5.06 27.53 32.62
N ALA C 62 -4.03 27.15 31.85
CA ALA C 62 -2.82 26.52 32.40
C ALA C 62 -2.03 27.55 33.22
N PHE C 63 -1.75 28.71 32.64
CA PHE C 63 -1.04 29.82 33.33
C PHE C 63 -1.79 30.08 34.63
N ALA C 64 -3.11 30.17 34.51
CA ALA C 64 -4.04 30.49 35.63
C ALA C 64 -3.84 29.52 36.80
N SER C 65 -3.51 28.26 36.56
CA SER C 65 -3.50 27.22 37.63
C SER C 65 -2.27 27.32 38.56
N VAL C 66 -1.09 27.77 38.09
CA VAL C 66 0.06 28.01 39.02
C VAL C 66 0.03 29.48 39.42
N GLU C 67 0.87 29.88 40.37
CA GLU C 67 0.88 31.27 40.92
C GLU C 67 1.62 32.16 39.89
N ARG C 68 1.01 33.29 39.53
CA ARG C 68 1.39 34.19 38.40
C ARG C 68 2.86 34.62 38.50
N HIS C 69 3.43 34.65 39.70
CA HIS C 69 4.78 35.20 39.99
C HIS C 69 5.87 34.15 39.73
N LEU C 70 5.53 32.94 39.28
CA LEU C 70 6.51 31.91 38.91
C LEU C 70 6.74 31.93 37.41
N LEU C 71 5.88 32.65 36.70
CA LEU C 71 5.77 32.65 35.22
C LEU C 71 6.41 33.92 34.67
N PHE C 72 7.14 33.79 33.57
CA PHE C 72 7.57 34.91 32.71
C PHE C 72 6.83 34.80 31.37
N LEU C 73 5.82 35.64 31.14
CA LEU C 73 4.97 35.60 29.91
C LEU C 73 5.31 36.76 28.98
N THR C 74 5.82 36.39 27.79
CA THR C 74 6.23 37.30 26.69
C THR C 74 5.09 37.30 25.67
N TRP C 75 4.59 38.47 25.24
CA TRP C 75 3.62 38.54 24.12
C TRP C 75 4.36 39.04 22.89
N ARG C 76 4.21 38.29 21.81
CA ARG C 76 4.95 38.46 20.55
C ARG C 76 4.04 39.30 19.64
N LEU C 77 4.38 40.56 19.40
CA LEU C 77 3.53 41.49 18.63
C LEU C 77 4.19 41.75 17.28
N ARG C 78 3.63 41.19 16.21
CA ARG C 78 4.27 41.23 14.87
C ARG C 78 3.81 42.48 14.10
N GLY C 79 3.84 42.41 12.77
CA GLY C 79 3.59 43.57 11.91
C GLY C 79 4.71 44.61 11.96
N ASP C 80 4.73 45.47 10.93
CA ASP C 80 5.58 46.67 10.80
C ASP C 80 5.42 47.47 12.09
N ALA C 81 6.52 47.60 12.81
CA ALA C 81 6.62 48.31 14.10
C ALA C 81 6.14 49.77 13.94
N LYS C 82 6.21 50.35 12.73
CA LYS C 82 5.89 51.79 12.51
C LYS C 82 4.40 51.94 12.18
N GLN C 83 3.60 50.87 12.22
CA GLN C 83 2.12 50.93 12.03
C GLN C 83 1.38 50.72 13.35
N LEU C 84 2.10 50.50 14.45
CA LEU C 84 1.46 50.27 15.77
C LEU C 84 0.96 51.61 16.29
N GLY C 85 -0.28 51.64 16.76
CA GLY C 85 -0.95 52.84 17.29
C GLY C 85 -2.00 52.44 18.33
N PRO C 86 -3.09 53.22 18.51
CA PRO C 86 -4.10 52.92 19.53
C PRO C 86 -4.79 51.56 19.25
N HIS C 87 -5.12 51.26 17.99
CA HIS C 87 -5.76 49.99 17.52
C HIS C 87 -5.02 48.77 18.07
N THR C 88 -3.68 48.84 18.09
CA THR C 88 -2.78 47.75 18.50
C THR C 88 -3.01 47.47 19.98
N LEU C 89 -3.18 48.50 20.79
CA LEU C 89 -3.38 48.34 22.25
C LEU C 89 -4.82 47.88 22.55
N ASP C 90 -5.79 48.17 21.66
CA ASP C 90 -7.17 47.60 21.74
C ASP C 90 -7.08 46.10 21.50
N ALA C 91 -6.27 45.70 20.52
CA ALA C 91 -6.02 44.28 20.18
C ALA C 91 -5.31 43.59 21.35
N LEU C 92 -4.37 44.30 21.98
CA LEU C 92 -3.53 43.76 23.08
C LEU C 92 -4.40 43.57 24.33
N LYS C 93 -5.20 44.55 24.68
CA LYS C 93 -6.17 44.40 25.79
C LYS C 93 -6.95 43.09 25.58
N ARG C 94 -7.57 42.89 24.42
CA ARG C 94 -8.57 41.81 24.17
C ARG C 94 -7.87 40.44 24.08
N SER C 95 -6.69 40.39 23.48
CA SER C 95 -5.95 39.14 23.22
C SER C 95 -5.10 38.77 24.44
N ALA C 96 -4.15 39.62 24.84
CA ALA C 96 -3.17 39.29 25.90
C ALA C 96 -3.84 39.36 27.27
N PHE C 97 -4.55 40.44 27.59
CA PHE C 97 -5.02 40.73 28.96
C PHE C 97 -6.35 40.00 29.25
N GLU C 98 -7.40 40.20 28.45
CA GLU C 98 -8.69 39.49 28.64
C GLU C 98 -8.51 38.02 28.23
N GLY C 99 -7.93 37.79 27.05
CA GLY C 99 -7.81 36.46 26.45
C GLY C 99 -7.10 35.46 27.35
N LEU C 100 -5.97 35.83 27.97
CA LEU C 100 -5.15 34.93 28.82
C LEU C 100 -5.56 35.09 30.29
N SER C 101 -6.23 36.18 30.63
CA SER C 101 -6.66 36.51 32.01
C SER C 101 -5.46 36.93 32.84
N LEU C 102 -4.53 37.68 32.25
CA LEU C 102 -3.39 38.30 32.99
C LEU C 102 -3.76 39.74 33.34
N ASP C 103 -3.13 40.25 34.39
CA ASP C 103 -3.21 41.65 34.88
C ASP C 103 -1.99 42.41 34.40
N TYR C 104 -0.91 41.68 34.09
CA TYR C 104 0.39 42.25 33.62
C TYR C 104 1.06 41.27 32.67
N LEU C 105 1.76 41.79 31.67
CA LEU C 105 2.73 41.03 30.83
C LEU C 105 4.13 41.31 31.34
N ASP C 106 4.96 40.26 31.45
CA ASP C 106 6.40 40.35 31.80
C ASP C 106 7.16 41.06 30.66
N LEU C 107 6.69 40.93 29.42
CA LEU C 107 7.42 41.47 28.25
C LEU C 107 6.48 41.47 27.05
N LEU C 108 6.62 42.50 26.24
CA LEU C 108 5.98 42.63 24.92
C LEU C 108 7.11 42.74 23.90
N LEU C 109 7.10 41.93 22.85
CA LEU C 109 8.26 41.74 21.94
C LEU C 109 7.85 42.15 20.53
N ILE C 110 8.35 43.29 20.04
CA ILE C 110 7.87 43.90 18.78
C ILE C 110 8.89 43.61 17.70
N ASN C 111 8.56 43.85 16.44
CA ASN C 111 9.55 43.76 15.33
C ASN C 111 10.43 45.01 15.38
N ASP C 112 11.64 44.98 14.81
CA ASP C 112 12.58 46.15 14.74
C ASP C 112 12.08 47.14 13.71
N PRO C 113 11.77 48.39 14.10
CA PRO C 113 11.28 49.37 13.13
C PRO C 113 12.39 49.92 12.19
N GLN C 114 13.55 49.27 12.14
CA GLN C 114 14.87 49.85 11.77
C GLN C 114 14.75 51.38 11.82
N SER C 115 14.89 51.98 13.01
CA SER C 115 14.46 53.36 13.33
C SER C 115 14.86 53.72 14.76
N ALA C 116 15.36 54.94 14.96
CA ALA C 116 15.62 55.51 16.31
C ALA C 116 14.38 55.34 17.19
N SER C 117 13.17 55.50 16.64
CA SER C 117 11.94 55.84 17.39
C SER C 117 10.77 54.88 17.09
N LEU C 118 9.89 54.72 18.08
CA LEU C 118 8.55 54.09 17.94
C LEU C 118 7.57 55.16 17.49
N PRO C 119 6.36 54.78 17.04
CA PRO C 119 5.24 55.73 16.94
C PRO C 119 4.81 56.41 18.26
N MET C 120 4.45 57.70 18.20
CA MET C 120 4.00 58.56 19.33
C MET C 120 2.84 57.91 20.09
N ALA C 121 1.77 57.56 19.36
CA ALA C 121 0.52 56.97 19.89
C ALA C 121 0.86 55.74 20.73
N PHE C 122 1.63 54.82 20.12
CA PHE C 122 2.07 53.52 20.68
C PHE C 122 2.92 53.75 21.95
N GLU C 123 4.07 54.41 21.82
CA GLU C 123 5.04 54.63 22.93
C GLU C 123 4.33 55.21 24.16
N SER C 124 3.44 56.19 23.93
CA SER C 124 2.60 56.81 24.98
C SER C 124 1.82 55.71 25.70
N GLY C 125 0.97 54.97 24.97
CA GLY C 125 0.17 53.84 25.48
C GLY C 125 1.00 52.87 26.31
N LEU C 126 2.24 52.59 25.89
CA LEU C 126 3.15 51.66 26.61
C LEU C 126 3.53 52.26 27.97
N GLN C 127 3.90 53.55 28.04
CA GLN C 127 4.22 54.18 29.36
C GLN C 127 2.96 54.17 30.22
N ASP C 128 1.78 54.18 29.61
CA ASP C 128 0.48 54.13 30.34
C ASP C 128 0.33 52.77 31.01
N LEU C 129 0.55 51.67 30.29
CA LEU C 129 0.59 50.29 30.84
C LEU C 129 1.66 50.21 31.93
N GLN C 130 2.94 50.46 31.59
CA GLN C 130 4.08 50.70 32.51
C GLN C 130 3.57 51.21 33.86
N LYS C 131 3.11 52.47 33.93
CA LYS C 131 2.73 53.11 35.22
C LYS C 131 1.53 52.37 35.84
N GLY C 132 0.65 51.79 35.02
CA GLY C 132 -0.47 50.94 35.48
C GLY C 132 0.04 49.61 36.05
N ARG C 133 1.36 49.46 36.20
CA ARG C 133 2.08 48.25 36.68
C ARG C 133 1.75 47.05 35.80
N ALA C 134 1.45 47.25 34.50
CA ALA C 134 0.75 46.26 33.63
C ALA C 134 1.62 45.73 32.48
N LEU C 135 2.86 46.19 32.35
CA LEU C 135 3.83 45.73 31.34
C LEU C 135 5.23 45.98 31.90
N ARG C 136 5.93 44.92 32.30
CA ARG C 136 7.26 44.98 32.94
C ARG C 136 8.29 45.57 31.97
N GLY C 137 8.21 45.26 30.68
CA GLY C 137 9.33 45.54 29.76
C GLY C 137 8.87 45.51 28.31
N LEU C 138 9.61 46.21 27.45
CA LEU C 138 9.47 46.15 25.98
C LEU C 138 10.67 45.36 25.47
N GLY C 139 10.52 44.72 24.30
CA GLY C 139 11.57 43.92 23.68
C GLY C 139 11.50 44.09 22.19
N VAL C 140 12.64 44.02 21.53
CA VAL C 140 12.78 44.26 20.07
C VAL C 140 13.49 43.04 19.48
N ALA C 141 12.79 42.16 18.76
CA ALA C 141 13.41 41.08 17.97
C ALA C 141 13.95 41.69 16.67
N SER C 142 15.09 41.22 16.17
CA SER C 142 15.87 41.85 15.06
C SER C 142 16.92 40.88 14.52
N ARG C 143 17.31 40.97 13.25
CA ARG C 143 18.36 40.10 12.64
C ARG C 143 19.67 40.88 12.49
N GLY C 144 19.59 42.17 12.15
CA GLY C 144 20.75 43.09 12.12
C GLY C 144 20.94 43.80 13.45
N ASP C 145 21.55 45.00 13.40
CA ASP C 145 21.86 45.89 14.55
C ASP C 145 20.67 46.79 14.86
N ILE C 146 19.98 46.58 16.00
CA ILE C 146 18.93 47.49 16.54
C ILE C 146 19.60 48.87 16.72
N ASP C 147 18.86 49.95 16.49
CA ASP C 147 19.39 51.34 16.51
C ASP C 147 19.77 51.74 17.94
N PRO C 148 20.98 52.27 18.20
CA PRO C 148 21.42 52.58 19.57
C PRO C 148 20.46 53.53 20.29
N GLY C 149 19.87 54.45 19.52
CA GLY C 149 18.77 55.33 19.94
C GLY C 149 17.62 54.54 20.52
N LEU C 150 17.08 53.56 19.79
CA LEU C 150 15.92 52.73 20.24
C LEU C 150 16.30 51.99 21.53
N LEU C 151 17.47 51.34 21.53
CA LEU C 151 18.02 50.62 22.71
C LEU C 151 18.12 51.57 23.92
N ALA C 152 18.35 52.86 23.67
CA ALA C 152 18.40 53.93 24.69
C ALA C 152 17.04 54.08 25.39
N ASN C 153 15.92 53.90 24.68
CA ASN C 153 14.57 53.99 25.28
C ASN C 153 14.53 53.14 26.57
N ASP C 154 13.84 53.64 27.60
CA ASP C 154 13.80 52.99 28.94
C ASP C 154 12.67 51.97 28.99
N LEU C 155 11.76 51.97 28.02
CA LEU C 155 10.79 50.87 27.90
C LEU C 155 11.58 49.60 27.54
N VAL C 156 12.68 49.75 26.78
CA VAL C 156 13.38 48.62 26.12
C VAL C 156 14.31 47.94 27.13
N THR C 157 13.92 46.73 27.60
CA THR C 157 14.62 45.89 28.61
C THR C 157 15.11 44.57 27.99
N ALA C 158 15.03 44.34 26.67
CA ALA C 158 15.35 43.03 26.04
C ALA C 158 15.45 43.11 24.52
N VAL C 159 16.25 42.23 23.93
CA VAL C 159 16.24 41.93 22.48
C VAL C 159 16.10 40.41 22.26
N SER C 160 15.65 40.00 21.08
CA SER C 160 15.71 38.58 20.64
C SER C 160 16.38 38.59 19.27
N SER C 161 17.06 37.49 18.95
CA SER C 161 17.97 37.38 17.79
C SER C 161 18.17 35.91 17.42
N PRO C 162 18.31 35.56 16.13
CA PRO C 162 18.73 34.21 15.78
C PRO C 162 20.17 34.13 16.30
N TYR C 163 20.42 33.17 17.19
CA TYR C 163 21.77 32.64 17.49
C TYR C 163 21.67 31.13 17.42
N ASN C 164 22.64 30.51 16.77
CA ASN C 164 22.64 29.04 16.59
C ASN C 164 24.01 28.55 16.15
N LEU C 165 24.14 27.23 16.11
CA LEU C 165 25.20 26.48 15.42
C LEU C 165 25.87 27.26 14.24
N SER C 166 25.07 27.81 13.32
CA SER C 166 25.51 28.44 12.05
C SER C 166 26.10 29.83 12.30
N SER C 167 25.71 30.52 13.38
CA SER C 167 25.92 31.98 13.60
C SER C 167 27.42 32.33 13.53
N GLY C 168 27.73 33.48 12.92
CA GLY C 168 29.08 34.06 12.80
C GLY C 168 29.45 34.81 14.06
N TRP C 169 30.76 35.07 14.28
CA TRP C 169 31.30 35.90 15.40
C TRP C 169 30.77 37.33 15.20
N ALA C 170 30.60 37.74 13.93
CA ALA C 170 29.64 38.78 13.46
C ALA C 170 28.41 38.77 14.39
N GLU C 171 27.40 37.94 14.02
CA GLU C 171 26.14 37.64 14.77
C GLU C 171 26.43 37.57 16.29
N ARG C 172 27.45 36.83 16.73
CA ARG C 172 27.67 36.49 18.18
C ARG C 172 27.97 37.74 19.01
N HIS C 173 28.94 38.54 18.57
CA HIS C 173 29.45 39.77 19.25
C HIS C 173 28.28 40.67 19.66
N ARG C 174 27.34 40.91 18.73
CA ARG C 174 26.16 41.81 18.92
C ARG C 174 25.37 41.38 20.16
N ILE C 175 24.98 40.09 20.19
CA ILE C 175 24.30 39.37 21.31
C ILE C 175 25.09 39.55 22.60
N ARG C 176 26.42 39.54 22.53
CA ARG C 176 27.30 39.68 23.72
C ARG C 176 27.33 41.12 24.20
N GLN C 177 27.47 42.08 23.29
CA GLN C 177 27.46 43.52 23.63
C GLN C 177 26.14 43.83 24.34
N ALA C 178 25.01 43.45 23.75
CA ALA C 178 23.63 43.62 24.28
C ALA C 178 23.61 43.21 25.75
N SER C 179 24.11 42.00 26.02
CA SER C 179 24.22 41.35 27.35
C SER C 179 25.05 42.22 28.31
N GLN C 180 26.15 42.79 27.84
CA GLN C 180 27.06 43.66 28.64
C GLN C 180 26.36 44.99 28.95
N ASN C 181 25.67 45.57 27.98
CA ASN C 181 24.83 46.79 28.17
C ASN C 181 23.54 46.45 28.93
N ASN C 182 23.48 45.29 29.59
CA ASN C 182 22.45 44.91 30.59
C ASN C 182 21.10 44.56 29.96
N PHE C 183 20.97 44.52 28.62
CA PHE C 183 19.79 43.95 27.90
C PHE C 183 19.76 42.43 28.12
N ALA C 184 18.57 41.86 28.29
CA ALA C 184 18.33 40.40 28.28
C ALA C 184 18.24 39.93 26.83
N VAL C 185 18.89 38.85 26.47
CA VAL C 185 18.86 38.41 25.06
C VAL C 185 18.10 37.09 24.97
N ILE C 186 17.11 37.02 24.09
CA ILE C 186 16.31 35.79 23.82
C ILE C 186 16.86 35.16 22.55
N GLY C 187 17.27 33.89 22.62
CA GLY C 187 17.83 33.13 21.48
C GLY C 187 16.72 32.56 20.64
N GLU C 188 16.86 32.51 19.32
CA GLU C 188 15.78 31.99 18.46
C GLU C 188 16.32 30.78 17.69
N ASP C 189 15.87 30.65 16.43
CA ASP C 189 16.12 29.63 15.39
C ASP C 189 17.30 28.70 15.69
N PHE C 190 17.28 27.89 16.75
CA PHE C 190 18.50 27.23 17.31
C PHE C 190 18.95 26.10 16.38
N TRP C 191 17.97 25.51 15.72
CA TRP C 191 18.10 24.56 14.58
C TRP C 191 17.73 25.31 13.32
N PRO C 192 18.69 25.58 12.42
CA PRO C 192 18.44 26.35 11.22
C PRO C 192 17.96 25.54 10.01
N GLN C 193 17.46 26.27 9.02
CA GLN C 193 16.95 25.71 7.72
C GLN C 193 18.10 25.08 6.96
N ALA C 194 19.18 25.82 6.67
CA ALA C 194 20.38 25.32 5.95
C ALA C 194 20.62 23.81 6.20
N LEU C 195 20.31 23.27 7.39
CA LEU C 195 20.68 21.90 7.86
C LEU C 195 19.41 21.06 8.17
N ARG C 196 18.31 21.28 7.44
CA ARG C 196 17.06 20.47 7.49
C ARG C 196 17.09 19.43 6.36
N GLU C 197 17.82 19.71 5.25
CA GLU C 197 18.11 18.85 4.05
C GLU C 197 17.15 17.64 3.98
N VAL C 219 38.73 19.99 5.15
CA VAL C 219 37.26 19.67 5.18
C VAL C 219 36.86 19.53 6.66
N GLY C 220 35.55 19.65 6.93
CA GLY C 220 34.82 19.20 8.14
C GLY C 220 33.51 18.56 7.73
N GLY C 221 32.38 19.27 7.85
CA GLY C 221 31.08 18.91 7.26
C GLY C 221 30.09 18.40 8.29
N TYR C 222 28.78 18.42 8.00
CA TYR C 222 27.71 18.35 9.05
C TYR C 222 27.21 16.91 9.25
N GLU C 223 27.99 15.90 8.88
CA GLU C 223 27.55 14.49 8.93
C GLU C 223 27.40 14.05 10.38
N PHE C 224 28.31 14.48 11.26
CA PHE C 224 28.34 14.19 12.71
C PHE C 224 27.02 14.59 13.39
N LEU C 225 26.24 15.47 12.77
CA LEU C 225 24.95 15.94 13.35
C LEU C 225 23.99 14.76 13.52
N THR C 226 24.12 13.72 12.71
CA THR C 226 23.19 12.57 12.67
C THR C 226 23.92 11.29 13.08
N ASN C 227 25.26 11.28 13.06
CA ASN C 227 26.09 10.09 13.39
C ASN C 227 26.43 10.00 14.87
N THR C 228 26.19 11.04 15.65
CA THR C 228 26.66 11.08 17.06
C THR C 228 25.83 10.09 17.87
N PRO C 229 26.44 9.01 18.43
CA PRO C 229 25.68 8.03 19.21
C PRO C 229 25.07 8.74 20.43
N GLY C 230 23.76 8.64 20.63
CA GLY C 230 23.04 9.20 21.79
C GLY C 230 22.36 10.51 21.47
N TRP C 231 22.80 11.23 20.45
CA TRP C 231 22.31 12.62 20.14
C TRP C 231 21.60 12.65 18.79
N SER C 232 20.48 13.38 18.69
CA SER C 232 19.81 13.83 17.42
C SER C 232 20.35 15.21 17.03
N ALA C 233 20.00 15.72 15.86
CA ALA C 233 20.47 17.07 15.47
C ALA C 233 19.66 18.16 16.21
N GLU C 234 18.30 18.08 16.30
CA GLU C 234 17.48 19.04 17.12
C GLU C 234 18.33 19.18 18.39
N ASP C 235 18.70 18.04 18.98
CA ASP C 235 19.34 17.97 20.32
C ASP C 235 20.75 18.59 20.26
N ILE C 236 21.64 18.17 19.37
CA ILE C 236 23.02 18.75 19.30
C ILE C 236 22.89 20.27 19.18
N CYS C 237 22.01 20.73 18.31
CA CYS C 237 21.93 22.17 17.94
C CYS C 237 21.47 22.98 19.15
N LEU C 238 20.47 22.48 19.87
CA LEU C 238 19.96 23.08 21.14
C LEU C 238 21.10 23.06 22.15
N GLY C 239 21.90 21.99 22.13
CA GLY C 239 23.12 21.83 22.94
C GLY C 239 23.97 23.08 22.85
N TYR C 240 24.33 23.49 21.63
CA TYR C 240 25.26 24.62 21.35
C TYR C 240 24.62 25.93 21.84
N ALA C 241 23.41 26.22 21.37
CA ALA C 241 22.66 27.43 21.76
C ALA C 241 22.77 27.69 23.26
N LEU C 242 22.75 26.63 24.08
CA LEU C 242 22.68 26.73 25.56
C LEU C 242 24.05 27.07 26.16
N THR C 243 25.14 26.94 25.40
CA THR C 243 26.53 27.19 25.87
C THR C 243 26.86 28.69 25.74
N GLU C 244 26.10 29.44 24.94
CA GLU C 244 26.23 30.93 24.85
C GLU C 244 25.67 31.60 26.11
N PRO C 245 26.55 32.18 26.98
CA PRO C 245 26.06 32.86 28.18
C PRO C 245 25.31 34.19 27.90
N SER C 246 25.65 34.88 26.82
CA SER C 246 24.95 36.10 26.33
C SER C 246 23.44 35.89 26.32
N LEU C 247 22.98 34.69 25.99
CA LEU C 247 21.53 34.31 25.92
C LEU C 247 20.95 34.01 27.32
N ALA C 248 19.91 34.75 27.72
CA ALA C 248 19.21 34.55 29.00
C ALA C 248 18.29 33.34 28.88
N THR C 249 17.94 32.96 27.65
CA THR C 249 17.01 31.83 27.41
C THR C 249 16.98 31.54 25.90
N VAL C 250 16.91 30.26 25.55
CA VAL C 250 16.79 29.76 24.17
C VAL C 250 15.31 29.52 23.94
N ARG C 251 14.79 30.05 22.83
CA ARG C 251 13.37 29.84 22.43
C ARG C 251 13.30 28.51 21.69
N VAL C 252 12.30 27.73 22.10
CA VAL C 252 11.88 26.44 21.50
C VAL C 252 10.38 26.52 21.20
N THR C 253 9.88 25.58 20.38
CA THR C 253 8.51 25.49 19.82
C THR C 253 8.15 24.01 19.80
N ALA C 254 6.94 23.66 20.23
CA ALA C 254 6.56 22.26 20.52
C ALA C 254 5.11 21.98 20.10
N ASP C 255 4.93 21.32 18.94
CA ASP C 255 3.69 20.67 18.43
C ASP C 255 3.03 20.00 19.67
N ASN C 256 3.80 19.44 20.60
CA ASN C 256 3.37 18.30 21.44
C ASN C 256 4.30 18.03 22.64
N ARG C 257 4.00 16.97 23.38
CA ARG C 257 4.44 16.71 24.77
C ARG C 257 5.80 16.00 24.80
N GLN C 258 5.97 14.94 24.00
CA GLN C 258 7.26 14.24 23.85
C GLN C 258 8.33 15.23 23.44
N GLU C 259 8.04 16.26 22.63
CA GLU C 259 9.09 17.21 22.15
C GLU C 259 9.58 18.01 23.37
N ILE C 260 8.65 18.59 24.11
CA ILE C 260 8.99 19.47 25.27
C ILE C 260 9.84 18.65 26.22
N GLU C 261 9.50 17.38 26.39
CA GLU C 261 10.24 16.47 27.27
C GLU C 261 11.66 16.32 26.76
N ARG C 262 11.87 16.03 25.47
CA ARG C 262 13.22 15.69 24.94
C ARG C 262 14.16 16.93 24.96
N LEU C 263 13.62 18.15 24.90
CA LEU C 263 14.39 19.42 24.79
C LEU C 263 14.74 19.94 26.18
N ALA C 264 13.84 19.80 27.15
CA ALA C 264 14.11 20.14 28.56
C ALA C 264 15.20 19.20 29.11
N ALA C 265 15.33 18.00 28.54
CA ALA C 265 16.34 16.99 28.90
C ALA C 265 17.69 17.47 28.41
N VAL C 266 17.75 18.02 27.21
CA VAL C 266 19.01 18.53 26.60
C VAL C 266 19.65 19.57 27.53
N VAL C 267 18.90 20.24 28.37
CA VAL C 267 19.45 21.33 29.23
C VAL C 267 20.41 20.79 30.29
N GLU C 268 20.19 19.55 30.73
CA GLU C 268 20.93 18.89 31.83
C GLU C 268 22.08 18.05 31.25
N ARG C 269 22.08 17.78 29.94
CA ARG C 269 23.17 17.02 29.29
C ARG C 269 24.32 17.96 28.89
N ASP C 270 25.51 17.36 28.80
CA ASP C 270 26.79 17.99 28.43
C ASP C 270 27.11 17.63 26.99
N LEU C 271 27.31 18.63 26.13
CA LEU C 271 27.68 18.38 24.72
C LEU C 271 29.03 17.64 24.72
N PRO C 272 29.16 16.46 24.08
CA PRO C 272 30.45 15.76 24.03
C PRO C 272 31.47 16.67 23.33
N THR C 273 32.70 16.76 23.89
CA THR C 273 33.70 17.78 23.47
C THR C 273 34.15 17.46 22.03
N GLY C 274 33.99 16.20 21.59
CA GLY C 274 34.07 15.79 20.18
C GLY C 274 33.17 16.65 19.31
N VAL C 275 31.87 16.62 19.59
CA VAL C 275 30.81 17.35 18.84
C VAL C 275 31.11 18.85 18.84
N CYS C 276 31.61 19.42 19.94
CA CYS C 276 31.88 20.89 20.03
C CYS C 276 32.93 21.33 19.00
N ALA C 277 33.95 20.49 18.81
CA ALA C 277 35.10 20.75 17.92
C ALA C 277 34.64 20.64 16.47
N GLN C 278 33.82 19.64 16.19
CA GLN C 278 33.26 19.40 14.84
C GLN C 278 32.26 20.51 14.52
N ILE C 279 31.60 21.05 15.53
CA ILE C 279 30.61 22.13 15.33
C ILE C 279 31.33 23.36 14.76
N GLU C 280 32.63 23.50 15.06
CA GLU C 280 33.42 24.70 14.70
C GLU C 280 34.17 24.44 13.39
N MET C 281 34.68 23.23 13.16
CA MET C 281 35.30 22.89 11.87
C MET C 281 34.21 23.02 10.81
N ALA C 282 33.09 22.34 11.01
CA ALA C 282 31.95 22.39 10.08
C ALA C 282 31.58 23.83 9.80
N ARG C 283 31.52 24.68 10.83
CA ARG C 283 31.08 26.08 10.63
C ARG C 283 32.05 26.77 9.68
N PHE C 284 33.36 26.66 9.92
CA PHE C 284 34.43 27.22 9.03
C PHE C 284 34.24 26.71 7.58
N SER C 285 34.42 25.40 7.35
CA SER C 285 34.03 24.66 6.11
C SER C 285 32.92 25.36 5.34
N ALA C 286 31.73 25.45 5.95
CA ALA C 286 30.49 26.00 5.36
C ALA C 286 30.75 27.41 4.88
N GLN C 287 31.08 28.36 5.77
CA GLN C 287 31.18 29.80 5.41
C GLN C 287 32.39 30.03 4.48
N GLU C 288 33.29 29.05 4.32
CA GLU C 288 34.36 29.07 3.28
C GLU C 288 33.74 28.99 1.90
N ARG C 289 32.90 27.98 1.63
CA ARG C 289 32.28 27.77 0.30
C ARG C 289 31.15 28.78 0.04
N GLU C 290 30.50 29.28 1.09
CA GLU C 290 29.56 30.45 1.03
C GLU C 290 30.30 31.69 0.50
N LYS C 291 31.63 31.62 0.34
CA LYS C 291 32.48 32.69 -0.25
C LYS C 291 33.37 32.15 -1.39
N ALA C 292 33.10 30.96 -1.93
CA ALA C 292 33.58 30.43 -3.23
C ALA C 292 32.52 30.73 -4.30
N ALA C 293 31.26 30.88 -3.87
CA ALA C 293 30.14 31.62 -4.52
C ALA C 293 30.33 33.13 -4.32
N ARG C 294 31.27 33.74 -5.06
CA ARG C 294 31.22 35.18 -5.47
C ARG C 294 31.69 35.24 -6.94
N ARG C 295 32.96 34.91 -7.24
CA ARG C 295 33.52 34.53 -8.58
C ARG C 295 33.87 35.75 -9.46
N PRO C 296 34.90 36.58 -9.14
CA PRO C 296 35.02 37.92 -9.71
C PRO C 296 35.84 37.98 -11.00
N LYS C 297 35.69 37.09 -12.03
CA LYS C 297 36.06 36.84 -13.42
C LYS C 297 37.03 37.74 -14.16
N LEU C 298 37.47 38.87 -13.62
CA LEU C 298 38.41 39.59 -14.47
C LEU C 298 39.62 38.72 -14.83
N ALA C 299 39.52 38.01 -15.95
CA ALA C 299 40.60 37.15 -16.41
C ALA C 299 41.92 37.90 -16.51
N ALA C 300 42.07 38.93 -15.69
CA ALA C 300 43.30 39.72 -15.69
C ALA C 300 44.38 39.08 -14.84
N ALA C 301 45.38 39.88 -14.47
CA ALA C 301 46.50 39.40 -13.65
C ALA C 301 47.11 38.10 -14.17
N LEU C 302 47.71 38.18 -15.36
CA LEU C 302 48.35 37.02 -15.99
C LEU C 302 49.34 37.46 -17.14
N GLU C 303 50.72 37.41 -16.96
CA GLU C 303 51.82 37.72 -18.04
C GLU C 303 51.91 39.23 -18.75
N HIS C 304 51.35 39.56 -20.00
CA HIS C 304 51.32 40.94 -20.73
C HIS C 304 52.62 41.87 -20.86
N HIS C 305 54.48 44.69 -21.45
CA HIS C 305 55.38 45.25 -20.40
C HIS C 305 54.56 45.61 -19.16
N HIS C 306 54.07 46.88 -19.12
CA HIS C 306 52.91 47.37 -18.30
C HIS C 306 53.23 48.79 -17.75
N HIS C 307 52.40 49.24 -16.80
CA HIS C 307 52.05 50.60 -16.31
C HIS C 307 53.01 51.74 -16.76
N HIS C 308 52.49 52.98 -16.72
CA HIS C 308 53.20 54.28 -16.48
C HIS C 308 52.89 54.72 -15.04
N HIS C 309 53.91 54.98 -14.22
CA HIS C 309 53.76 55.09 -12.74
C HIS C 309 53.75 56.56 -12.32
N MET D 1 -25.22 24.73 -9.21
CA MET D 1 -23.79 24.30 -9.44
C MET D 1 -23.57 23.94 -10.92
N ARG D 2 -22.33 24.17 -11.40
CA ARG D 2 -21.79 23.85 -12.74
C ARG D 2 -20.60 22.90 -12.59
N TYR D 3 -20.39 22.08 -13.59
CA TYR D 3 -19.41 21.01 -13.51
C TYR D 3 -18.51 21.19 -14.71
N ARG D 4 -17.24 20.83 -14.57
CA ARG D 4 -16.25 20.85 -15.66
C ARG D 4 -15.55 19.50 -15.67
N PRO D 5 -15.08 19.06 -16.85
CA PRO D 5 -14.30 17.85 -16.94
C PRO D 5 -12.95 18.14 -16.28
N PHE D 6 -12.52 17.22 -15.42
CA PHE D 6 -11.16 17.25 -14.83
C PHE D 6 -10.16 16.93 -15.96
N GLY D 7 -9.62 17.98 -16.59
CA GLY D 7 -8.64 17.89 -17.71
C GLY D 7 -8.99 16.76 -18.65
N SER D 8 -8.27 15.62 -18.59
CA SER D 8 -8.43 14.43 -19.48
C SER D 8 -8.92 13.19 -18.71
N THR D 9 -8.96 13.24 -17.38
CA THR D 9 -9.20 12.07 -16.49
C THR D 9 -10.61 11.47 -16.74
N GLY D 10 -11.51 12.15 -17.48
CA GLY D 10 -12.85 11.60 -17.82
C GLY D 10 -13.90 11.69 -16.68
N VAL D 11 -13.55 12.08 -15.45
CA VAL D 11 -14.54 12.34 -14.33
C VAL D 11 -14.85 13.85 -14.24
N ALA D 12 -16.09 14.17 -13.82
CA ALA D 12 -16.65 15.55 -13.74
C ALA D 12 -16.59 16.02 -12.30
N VAL D 13 -16.16 17.27 -12.11
CA VAL D 13 -16.04 17.92 -10.78
C VAL D 13 -16.90 19.17 -10.84
N SER D 14 -17.52 19.52 -9.73
CA SER D 14 -18.24 20.81 -9.57
C SER D 14 -17.25 21.96 -9.81
N ALA D 15 -17.73 23.12 -10.23
CA ALA D 15 -16.88 24.30 -10.45
C ALA D 15 -16.20 24.74 -9.16
N LEU D 16 -16.75 24.44 -7.99
CA LEU D 16 -16.08 24.71 -6.68
C LEU D 16 -15.59 23.39 -6.10
N THR D 17 -14.44 23.45 -5.46
CA THR D 17 -13.85 22.34 -4.65
C THR D 17 -13.72 22.85 -3.22
N LEU D 18 -14.47 22.28 -2.29
CA LEU D 18 -14.40 22.69 -0.86
C LEU D 18 -13.20 22.00 -0.17
N ARG D 19 -12.33 22.79 0.46
CA ARG D 19 -11.12 22.33 1.17
C ARG D 19 -11.44 22.27 2.66
N LEU D 20 -11.37 21.08 3.25
CA LEU D 20 -11.55 20.84 4.72
C LEU D 20 -10.19 20.98 5.38
N ALA D 21 -9.96 22.10 6.04
CA ALA D 21 -8.67 22.43 6.66
C ALA D 21 -8.84 22.27 8.16
N ASP D 22 -7.96 21.53 8.83
CA ASP D 22 -8.09 21.30 10.28
C ASP D 22 -8.57 22.61 10.90
N ASN D 23 -9.47 22.53 11.85
CA ASN D 23 -9.93 23.73 12.55
C ASN D 23 -10.39 23.28 13.92
N PRO D 24 -9.76 23.79 14.99
CA PRO D 24 -9.98 23.27 16.34
C PRO D 24 -11.41 23.41 16.88
N ARG D 25 -12.28 24.15 16.17
CA ARG D 25 -13.62 24.53 16.69
C ARG D 25 -14.71 23.72 16.04
N LEU D 26 -14.41 22.70 15.23
CA LEU D 26 -15.46 21.81 14.67
C LEU D 26 -15.24 20.40 15.20
N ARG D 27 -16.25 19.86 15.88
CA ARG D 27 -16.34 18.44 16.27
C ARG D 27 -16.79 17.66 15.04
N ALA D 28 -16.99 16.35 15.17
CA ALA D 28 -17.17 15.41 14.02
C ALA D 28 -18.49 15.72 13.33
N ASN D 29 -19.58 15.87 14.07
CA ASN D 29 -20.92 16.13 13.48
C ASN D 29 -20.90 17.44 12.70
N ASP D 30 -20.09 18.41 13.14
CA ASP D 30 -19.91 19.73 12.47
C ASP D 30 -19.31 19.51 11.08
N TRP D 31 -18.23 18.72 10.98
CA TRP D 31 -17.58 18.33 9.71
C TRP D 31 -18.56 17.52 8.86
N ARG D 32 -19.34 16.65 9.47
CA ARG D 32 -20.29 15.83 8.70
C ARG D 32 -21.27 16.77 7.98
N ALA D 33 -21.97 17.61 8.75
CA ALA D 33 -22.99 18.55 8.22
C ALA D 33 -22.36 19.57 7.25
N LEU D 34 -21.08 19.89 7.40
CA LEU D 34 -20.37 20.77 6.44
C LEU D 34 -20.46 20.10 5.08
N VAL D 35 -19.94 18.88 5.01
CA VAL D 35 -19.84 18.09 3.75
C VAL D 35 -21.26 17.91 3.21
N PHE D 36 -22.28 17.73 4.07
CA PHE D 36 -23.69 17.53 3.63
C PHE D 36 -24.20 18.78 2.90
N THR D 37 -24.13 19.94 3.55
CA THR D 37 -24.44 21.24 2.91
C THR D 37 -23.74 21.38 1.55
N ALA D 38 -22.46 20.99 1.46
CA ALA D 38 -21.66 21.01 0.21
C ALA D 38 -22.36 20.17 -0.84
N LEU D 39 -22.66 18.90 -0.53
CA LEU D 39 -23.33 17.95 -1.47
C LEU D 39 -24.71 18.50 -1.89
N GLU D 40 -25.52 18.86 -0.91
CA GLU D 40 -26.86 19.48 -1.09
C GLU D 40 -26.73 20.70 -2.01
N ASN D 41 -25.63 21.45 -1.96
CA ASN D 41 -25.46 22.63 -2.86
C ASN D 41 -24.78 22.24 -4.17
N GLY D 42 -24.53 20.95 -4.43
CA GLY D 42 -24.03 20.43 -5.72
C GLY D 42 -22.52 20.18 -5.76
N VAL D 43 -21.78 20.68 -4.75
CA VAL D 43 -20.30 20.50 -4.62
C VAL D 43 -19.98 19.02 -4.42
N ASN D 44 -19.10 18.47 -5.24
CA ASN D 44 -18.75 17.01 -5.21
C ASN D 44 -17.23 16.81 -5.17
N SER D 45 -16.46 17.90 -5.32
CA SER D 45 -14.99 17.91 -5.20
C SER D 45 -14.64 18.39 -3.81
N PHE D 46 -14.02 17.50 -3.05
CA PHE D 46 -13.43 17.80 -1.72
C PHE D 46 -11.92 17.69 -1.85
N GLN D 47 -11.25 18.43 -0.97
CA GLN D 47 -9.80 18.40 -0.69
C GLN D 47 -9.68 18.32 0.82
N ILE D 48 -9.09 17.22 1.33
CA ILE D 48 -8.78 17.09 2.77
C ILE D 48 -7.35 17.60 2.99
N ASP D 49 -7.24 18.67 3.78
CA ASP D 49 -5.99 19.39 4.12
C ASP D 49 -5.92 19.45 5.64
N GLY D 50 -5.85 18.28 6.26
CA GLY D 50 -6.05 18.11 7.73
C GLY D 50 -6.06 16.65 8.07
N ASP D 51 -5.75 16.30 9.31
CA ASP D 51 -5.61 14.89 9.72
C ASP D 51 -6.30 14.68 11.06
N ALA D 52 -7.01 15.68 11.62
CA ALA D 52 -7.57 15.64 13.00
C ALA D 52 -8.53 14.47 13.10
N PRO D 53 -8.62 13.79 14.25
CA PRO D 53 -9.35 12.52 14.32
C PRO D 53 -10.80 12.81 13.92
N GLU D 54 -11.34 13.89 14.50
CA GLU D 54 -12.73 14.39 14.38
C GLU D 54 -13.07 14.78 12.94
N LEU D 55 -12.11 15.24 12.12
CA LEU D 55 -12.35 15.69 10.73
C LEU D 55 -12.55 14.45 9.86
N LEU D 56 -11.55 13.59 9.79
CA LEU D 56 -11.58 12.35 8.99
C LEU D 56 -12.85 11.59 9.33
N LYS D 57 -13.21 11.56 10.61
CA LYS D 57 -14.39 10.83 11.16
C LYS D 57 -15.68 11.36 10.51
N GLY D 58 -15.91 12.66 10.65
CA GLY D 58 -17.09 13.39 10.14
C GLY D 58 -17.08 13.47 8.64
N ALA D 59 -15.95 13.78 8.02
CA ALA D 59 -15.86 13.87 6.55
C ALA D 59 -16.03 12.46 5.98
N GLY D 60 -15.52 11.45 6.67
CA GLY D 60 -15.63 10.05 6.22
C GLY D 60 -17.07 9.55 6.22
N GLU D 61 -17.79 9.89 7.29
CA GLU D 61 -19.21 9.54 7.45
C GLU D 61 -20.05 10.21 6.35
N ALA D 62 -19.79 11.48 6.05
CA ALA D 62 -20.56 12.22 5.03
C ALA D 62 -20.24 11.65 3.65
N PHE D 63 -18.97 11.54 3.28
CA PHE D 63 -18.54 10.94 1.99
C PHE D 63 -19.21 9.58 1.86
N ALA D 64 -19.14 8.82 2.94
CA ALA D 64 -19.68 7.44 3.05
C ALA D 64 -21.17 7.39 2.67
N SER D 65 -21.95 8.42 2.95
CA SER D 65 -23.43 8.37 2.79
C SER D 65 -23.87 8.52 1.32
N VAL D 66 -23.16 9.22 0.43
CA VAL D 66 -23.51 9.20 -1.03
C VAL D 66 -22.65 8.14 -1.71
N GLU D 67 -22.91 7.83 -2.98
CA GLU D 67 -22.20 6.76 -3.72
C GLU D 67 -20.84 7.26 -4.14
N ARG D 68 -19.77 6.48 -3.89
CA ARG D 68 -18.33 6.86 -4.01
C ARG D 68 -18.01 7.47 -5.38
N HIS D 69 -18.75 7.10 -6.43
CA HIS D 69 -18.47 7.46 -7.84
C HIS D 69 -19.07 8.82 -8.19
N LEU D 70 -19.70 9.53 -7.25
CA LEU D 70 -20.21 10.91 -7.47
C LEU D 70 -19.19 11.92 -6.95
N LEU D 71 -18.21 11.42 -6.20
CA LEU D 71 -17.27 12.23 -5.39
C LEU D 71 -15.93 12.29 -6.09
N PHE D 72 -15.28 13.45 -6.07
CA PHE D 72 -13.85 13.62 -6.41
C PHE D 72 -13.10 14.03 -5.13
N LEU D 73 -12.36 13.09 -4.53
CA LEU D 73 -11.62 13.33 -3.25
C LEU D 73 -10.11 13.48 -3.50
N THR D 74 -9.60 14.68 -3.22
CA THR D 74 -8.19 15.10 -3.34
C THR D 74 -7.57 15.07 -1.93
N TRP D 75 -6.42 14.42 -1.73
CA TRP D 75 -5.68 14.52 -0.44
C TRP D 75 -4.49 15.43 -0.64
N ARG D 76 -4.38 16.40 0.25
CA ARG D 76 -3.39 17.49 0.18
C ARG D 76 -2.22 17.08 1.06
N LEU D 77 -1.08 16.73 0.47
CA LEU D 77 0.09 16.23 1.24
C LEU D 77 1.19 17.30 1.24
N ARG D 78 1.39 17.96 2.38
CA ARG D 78 2.33 19.11 2.47
C ARG D 78 3.73 18.60 2.85
N GLY D 79 4.52 19.46 3.48
CA GLY D 79 5.95 19.20 3.73
C GLY D 79 6.78 19.18 2.45
N ASP D 80 8.10 19.27 2.67
CA ASP D 80 9.16 19.28 1.63
C ASP D 80 8.95 18.02 0.80
N ALA D 81 8.67 18.21 -0.49
CA ALA D 81 8.42 17.14 -1.47
C ALA D 81 9.62 16.18 -1.52
N LYS D 82 10.83 16.64 -1.19
CA LYS D 82 12.07 15.82 -1.34
C LYS D 82 12.34 15.00 -0.07
N GLN D 83 11.45 15.04 0.94
CA GLN D 83 11.55 14.24 2.18
C GLN D 83 10.49 13.12 2.18
N LEU D 84 9.65 13.02 1.16
CA LEU D 84 8.59 11.98 1.15
C LEU D 84 9.23 10.63 0.86
N GLY D 85 8.86 9.60 1.61
CA GLY D 85 9.40 8.23 1.48
C GLY D 85 8.37 7.23 1.98
N PRO D 86 8.79 6.05 2.50
CA PRO D 86 7.84 5.02 2.93
C PRO D 86 6.96 5.52 4.09
N HIS D 87 7.54 6.24 5.06
CA HIS D 87 6.85 6.84 6.24
C HIS D 87 5.60 7.60 5.81
N THR D 88 5.70 8.35 4.71
CA THR D 88 4.65 9.23 4.18
C THR D 88 3.46 8.38 3.78
N LEU D 89 3.71 7.23 3.15
CA LEU D 89 2.63 6.33 2.67
C LEU D 89 2.03 5.53 3.84
N ASP D 90 2.76 5.32 4.93
CA ASP D 90 2.23 4.75 6.19
C ASP D 90 1.24 5.77 6.77
N ALA D 91 1.62 7.05 6.76
CA ALA D 91 0.76 8.16 7.23
C ALA D 91 -0.48 8.24 6.34
N LEU D 92 -0.32 8.06 5.04
CA LEU D 92 -1.40 8.18 4.03
C LEU D 92 -2.38 7.02 4.20
N LYS D 93 -1.89 5.79 4.32
CA LYS D 93 -2.72 4.61 4.66
C LYS D 93 -3.66 4.97 5.84
N ARG D 94 -3.10 5.43 6.96
CA ARG D 94 -3.84 5.56 8.26
C ARG D 94 -4.78 6.77 8.23
N SER D 95 -4.36 7.85 7.60
CA SER D 95 -5.12 9.14 7.56
C SER D 95 -6.15 9.10 6.42
N ALA D 96 -5.72 8.96 5.16
CA ALA D 96 -6.60 9.09 3.98
C ALA D 96 -7.46 7.84 3.85
N PHE D 97 -6.87 6.65 3.87
CA PHE D 97 -7.56 5.40 3.46
C PHE D 97 -8.35 4.81 4.64
N GLU D 98 -7.74 4.56 5.78
CA GLU D 98 -8.48 4.09 6.99
C GLU D 98 -9.31 5.23 7.56
N GLY D 99 -8.71 6.41 7.74
CA GLY D 99 -9.34 7.55 8.41
C GLY D 99 -10.65 7.96 7.76
N LEU D 100 -10.71 8.06 6.43
CA LEU D 100 -11.91 8.51 5.67
C LEU D 100 -12.75 7.31 5.22
N SER D 101 -12.15 6.12 5.21
CA SER D 101 -12.80 4.85 4.81
C SER D 101 -12.96 4.81 3.30
N LEU D 102 -11.96 5.30 2.58
CA LEU D 102 -11.88 5.21 1.10
C LEU D 102 -11.03 4.01 0.71
N ASP D 103 -11.29 3.50 -0.50
CA ASP D 103 -10.58 2.39 -1.16
C ASP D 103 -9.61 3.01 -2.15
N TYR D 104 -9.91 4.20 -2.65
CA TYR D 104 -9.11 4.92 -3.68
C TYR D 104 -9.24 6.43 -3.46
N LEU D 105 -8.15 7.15 -3.72
CA LEU D 105 -8.14 8.63 -3.83
C LEU D 105 -8.20 9.00 -5.31
N ASP D 106 -9.05 9.97 -5.66
CA ASP D 106 -9.15 10.58 -7.01
C ASP D 106 -7.83 11.33 -7.33
N LEU D 107 -7.15 11.85 -6.31
CA LEU D 107 -5.94 12.67 -6.52
C LEU D 107 -5.20 12.84 -5.20
N LEU D 108 -3.88 12.84 -5.26
CA LEU D 108 -2.98 13.21 -4.15
C LEU D 108 -2.19 14.42 -4.63
N LEU D 109 -2.13 15.49 -3.83
CA LEU D 109 -1.62 16.81 -4.30
C LEU D 109 -0.41 17.19 -3.45
N ILE D 110 0.78 17.13 -4.03
CA ILE D 110 2.05 17.25 -3.25
C ILE D 110 2.59 18.65 -3.48
N ASN D 111 3.58 19.07 -2.70
CA ASN D 111 4.29 20.35 -2.97
C ASN D 111 5.21 20.14 -4.19
N ASP D 112 5.60 21.19 -4.91
CA ASP D 112 6.55 21.15 -6.06
C ASP D 112 7.96 20.98 -5.50
N PRO D 113 8.69 19.90 -5.86
CA PRO D 113 10.04 19.71 -5.35
C PRO D 113 11.09 20.64 -5.97
N GLN D 114 10.65 21.68 -6.70
CA GLN D 114 11.40 22.36 -7.80
C GLN D 114 12.56 21.44 -8.23
N SER D 115 12.28 20.45 -9.09
CA SER D 115 13.14 19.27 -9.34
C SER D 115 12.51 18.40 -10.43
N ALA D 116 13.32 17.90 -11.35
CA ALA D 116 12.89 16.96 -12.40
C ALA D 116 12.17 15.78 -11.74
N SER D 117 12.61 15.34 -10.56
CA SER D 117 12.31 14.00 -10.01
C SER D 117 11.73 14.08 -8.59
N LEU D 118 10.90 13.08 -8.26
CA LEU D 118 10.43 12.77 -6.89
C LEU D 118 11.48 11.90 -6.21
N PRO D 119 11.39 11.69 -4.89
CA PRO D 119 12.11 10.59 -4.25
C PRO D 119 11.76 9.16 -4.73
N MET D 120 12.77 8.29 -4.83
CA MET D 120 12.69 6.92 -5.41
C MET D 120 11.70 6.06 -4.60
N ALA D 121 11.86 6.06 -3.27
CA ALA D 121 11.00 5.31 -2.32
C ALA D 121 9.54 5.67 -2.56
N PHE D 122 9.24 6.98 -2.55
CA PHE D 122 7.90 7.58 -2.72
C PHE D 122 7.31 7.20 -4.09
N GLU D 123 7.96 7.58 -5.19
CA GLU D 123 7.48 7.37 -6.58
C GLU D 123 7.09 5.90 -6.78
N SER D 124 7.93 4.99 -6.29
CA SER D 124 7.69 3.52 -6.31
C SER D 124 6.34 3.23 -5.64
N GLY D 125 6.21 3.57 -4.34
CA GLY D 125 4.97 3.43 -3.55
C GLY D 125 3.74 3.95 -4.28
N LEU D 126 3.85 5.06 -5.01
CA LEU D 126 2.73 5.67 -5.77
C LEU D 126 2.32 4.73 -6.90
N GLN D 127 3.27 4.19 -7.67
CA GLN D 127 2.93 3.23 -8.76
C GLN D 127 2.30 1.99 -8.13
N ASP D 128 2.65 1.66 -6.88
CA ASP D 128 2.10 0.50 -6.13
C ASP D 128 0.60 0.75 -5.85
N LEU D 129 0.23 1.93 -5.35
CA LEU D 129 -1.19 2.36 -5.16
C LEU D 129 -1.91 2.34 -6.52
N GLN D 130 -1.44 3.15 -7.48
CA GLN D 130 -1.81 3.11 -8.92
C GLN D 130 -2.29 1.70 -9.31
N LYS D 131 -1.39 0.70 -9.38
CA LYS D 131 -1.72 -0.67 -9.87
C LYS D 131 -2.75 -1.32 -8.95
N GLY D 132 -2.73 -0.99 -7.66
CA GLY D 132 -3.73 -1.46 -6.67
C GLY D 132 -5.09 -0.81 -6.91
N ARG D 133 -5.25 -0.09 -8.03
CA ARG D 133 -6.48 0.65 -8.44
C ARG D 133 -6.83 1.70 -7.36
N ALA D 134 -5.85 2.24 -6.62
CA ALA D 134 -6.06 2.93 -5.32
C ALA D 134 -5.67 4.42 -5.34
N LEU D 135 -5.21 4.96 -6.47
CA LEU D 135 -4.85 6.40 -6.60
C LEU D 135 -4.95 6.76 -8.08
N ARG D 136 -5.98 7.52 -8.44
CA ARG D 136 -6.29 7.89 -9.85
C ARG D 136 -5.18 8.78 -10.41
N GLY D 137 -4.59 9.65 -9.60
CA GLY D 137 -3.64 10.63 -10.14
C GLY D 137 -2.76 11.24 -9.08
N LEU D 138 -1.62 11.79 -9.52
CA LEU D 138 -0.74 12.66 -8.71
C LEU D 138 -0.97 14.10 -9.16
N GLY D 139 -0.73 15.04 -8.28
CA GLY D 139 -0.88 16.47 -8.59
C GLY D 139 0.18 17.25 -7.89
N VAL D 140 0.57 18.35 -8.51
CA VAL D 140 1.70 19.20 -8.04
C VAL D 140 1.17 20.62 -7.86
N ALA D 141 0.96 21.09 -6.63
CA ALA D 141 0.67 22.52 -6.36
C ALA D 141 2.00 23.29 -6.38
N SER D 142 2.01 24.51 -6.90
CA SER D 142 3.24 25.29 -7.25
C SER D 142 2.87 26.75 -7.54
N ARG D 143 3.78 27.71 -7.32
CA ARG D 143 3.51 29.16 -7.59
C ARG D 143 4.21 29.59 -8.88
N GLY D 144 5.42 29.08 -9.13
CA GLY D 144 6.16 29.30 -10.39
C GLY D 144 5.88 28.17 -11.37
N ASP D 145 6.84 27.91 -12.27
CA ASP D 145 6.78 26.89 -13.37
C ASP D 145 7.27 25.55 -12.83
N ILE D 146 6.38 24.55 -12.71
CA ILE D 146 6.74 23.13 -12.41
C ILE D 146 7.73 22.68 -13.50
N ASP D 147 8.69 21.84 -13.15
CA ASP D 147 9.76 21.34 -14.06
C ASP D 147 9.17 20.50 -15.19
N PRO D 148 9.49 20.77 -16.49
CA PRO D 148 8.87 20.05 -17.61
C PRO D 148 9.09 18.53 -17.51
N GLY D 149 10.26 18.14 -16.97
CA GLY D 149 10.61 16.77 -16.62
C GLY D 149 9.57 16.15 -15.69
N LEU D 150 9.26 16.81 -14.57
CA LEU D 150 8.29 16.29 -13.56
C LEU D 150 6.90 16.18 -14.23
N LEU D 151 6.47 17.22 -14.95
CA LEU D 151 5.19 17.23 -15.71
C LEU D 151 5.13 16.05 -16.69
N ALA D 152 6.29 15.63 -17.19
CA ALA D 152 6.45 14.46 -18.08
C ALA D 152 6.06 13.16 -17.35
N ASN D 153 6.32 13.05 -16.04
CA ASN D 153 5.94 11.86 -15.22
C ASN D 153 4.47 11.51 -15.52
N ASP D 154 4.17 10.21 -15.60
CA ASP D 154 2.86 9.66 -16.00
C ASP D 154 1.94 9.59 -14.77
N LEU D 155 2.52 9.66 -13.58
CA LEU D 155 1.69 9.77 -12.36
C LEU D 155 0.99 11.13 -12.38
N VAL D 156 1.64 12.15 -12.98
CA VAL D 156 1.22 13.57 -12.84
C VAL D 156 0.07 13.86 -13.81
N THR D 157 -1.16 13.99 -13.27
CA THR D 157 -2.45 14.21 -14.00
C THR D 157 -3.06 15.58 -13.62
N ALA D 158 -2.39 16.45 -12.85
CA ALA D 158 -2.97 17.75 -12.41
C ALA D 158 -1.91 18.70 -11.85
N VAL D 159 -2.18 20.00 -11.94
CA VAL D 159 -1.48 21.04 -11.14
C VAL D 159 -2.50 21.91 -10.38
N SER D 160 -2.06 22.57 -9.31
CA SER D 160 -2.84 23.62 -8.65
C SER D 160 -1.92 24.83 -8.53
N SER D 161 -2.51 26.02 -8.55
CA SER D 161 -1.80 27.32 -8.73
C SER D 161 -2.69 28.46 -8.25
N PRO D 162 -2.12 29.50 -7.61
CA PRO D 162 -2.89 30.69 -7.30
C PRO D 162 -3.21 31.29 -8.67
N TYR D 163 -4.51 31.43 -8.94
CA TYR D 163 -5.06 32.35 -9.97
C TYR D 163 -6.19 33.13 -9.31
N ASN D 164 -6.22 34.43 -9.56
CA ASN D 164 -7.22 35.33 -8.94
C ASN D 164 -7.24 36.67 -9.65
N LEU D 165 -8.20 37.49 -9.28
CA LEU D 165 -8.28 38.95 -9.55
C LEU D 165 -6.90 39.62 -9.81
N SER D 166 -5.90 39.39 -8.94
CA SER D 166 -4.57 40.07 -8.93
C SER D 166 -3.67 39.53 -10.04
N SER D 167 -3.88 38.29 -10.49
CA SER D 167 -2.88 37.50 -11.27
C SER D 167 -2.44 38.25 -12.55
N GLY D 168 -1.16 38.14 -12.91
CA GLY D 168 -0.59 38.65 -14.19
C GLY D 168 -0.85 37.72 -15.35
N TRP D 169 -0.77 38.21 -16.60
CA TRP D 169 -0.86 37.38 -17.86
C TRP D 169 0.33 36.40 -17.84
N ALA D 170 1.48 36.82 -17.28
CA ALA D 170 2.53 35.94 -16.72
C ALA D 170 1.85 34.70 -16.11
N GLU D 171 1.44 34.81 -14.82
CA GLU D 171 0.68 33.81 -14.01
C GLU D 171 -0.37 33.11 -14.91
N ARG D 172 -1.17 33.82 -15.69
CA ARG D 172 -2.37 33.27 -16.38
C ARG D 172 -1.96 32.25 -17.45
N HIS D 173 -1.02 32.64 -18.32
CA HIS D 173 -0.52 31.86 -19.49
C HIS D 173 -0.13 30.45 -19.06
N ARG D 174 0.60 30.33 -17.96
CA ARG D 174 1.12 29.05 -17.40
C ARG D 174 -0.05 28.07 -17.18
N ILE D 175 -1.06 28.52 -16.43
CA ILE D 175 -2.36 27.84 -16.16
C ILE D 175 -3.02 27.42 -17.47
N ARG D 176 -2.91 28.23 -18.51
CA ARG D 176 -3.53 27.96 -19.83
C ARG D 176 -2.73 26.90 -20.59
N GLN D 177 -1.41 27.02 -20.60
CA GLN D 177 -0.53 26.03 -21.27
C GLN D 177 -0.80 24.66 -20.63
N ALA D 178 -0.75 24.58 -19.30
CA ALA D 178 -1.03 23.35 -18.50
C ALA D 178 -2.30 22.66 -19.02
N SER D 179 -3.36 23.45 -19.15
CA SER D 179 -4.71 23.06 -19.62
C SER D 179 -4.61 22.47 -21.03
N GLN D 180 -3.81 23.10 -21.92
CA GLN D 180 -3.64 22.65 -23.33
C GLN D 180 -2.87 21.34 -23.36
N ASN D 181 -1.82 21.21 -22.53
CA ASN D 181 -1.04 19.94 -22.39
C ASN D 181 -1.83 18.92 -21.55
N ASN D 182 -3.14 19.11 -21.40
CA ASN D 182 -4.09 18.09 -20.89
C ASN D 182 -3.97 17.87 -19.36
N PHE D 183 -3.16 18.65 -18.63
CA PHE D 183 -3.21 18.75 -17.15
C PHE D 183 -4.53 19.42 -16.73
N ALA D 184 -5.15 18.92 -15.65
CA ALA D 184 -6.30 19.58 -14.99
C ALA D 184 -5.73 20.65 -14.05
N VAL D 185 -6.30 21.84 -14.04
CA VAL D 185 -5.71 22.92 -13.21
C VAL D 185 -6.68 23.27 -12.10
N ILE D 186 -6.21 23.25 -10.85
CA ILE D 186 -7.02 23.57 -9.65
C ILE D 186 -6.66 25.00 -9.29
N GLY D 187 -7.65 25.88 -9.17
CA GLY D 187 -7.45 27.30 -8.82
C GLY D 187 -7.36 27.44 -7.32
N GLU D 188 -6.55 28.36 -6.82
CA GLU D 188 -6.41 28.54 -5.37
C GLU D 188 -6.85 29.96 -5.01
N ASP D 189 -6.26 30.46 -3.91
CA ASP D 189 -6.33 31.80 -3.28
C ASP D 189 -7.14 32.84 -4.08
N PHE D 190 -8.45 32.63 -4.27
CA PHE D 190 -9.25 33.37 -5.30
C PHE D 190 -9.50 34.80 -4.81
N TRP D 191 -9.56 34.93 -3.48
CA TRP D 191 -9.54 36.19 -2.71
C TRP D 191 -8.16 36.34 -2.10
N PRO D 192 -7.36 37.31 -2.55
CA PRO D 192 -5.99 37.47 -2.07
C PRO D 192 -5.83 38.35 -0.83
N GLN D 193 -4.62 38.31 -0.25
CA GLN D 193 -4.20 39.09 0.93
C GLN D 193 -4.27 40.58 0.63
N ALA D 194 -3.53 41.08 -0.37
CA ALA D 194 -3.47 42.53 -0.72
C ALA D 194 -4.82 43.23 -0.47
N LEU D 195 -5.97 42.54 -0.66
CA LEU D 195 -7.33 43.14 -0.69
C LEU D 195 -8.23 42.58 0.43
N ARG D 196 -7.68 42.15 1.55
CA ARG D 196 -8.43 41.78 2.78
C ARG D 196 -8.47 42.99 3.74
N GLU D 197 -7.47 43.92 3.59
CA GLU D 197 -7.13 45.11 4.45
C GLU D 197 -7.79 44.97 5.83
N VAL D 219 -6.32 55.98 -14.05
CA VAL D 219 -6.43 55.51 -12.64
C VAL D 219 -7.63 54.55 -12.58
N GLY D 220 -7.66 53.69 -11.55
CA GLY D 220 -8.78 52.83 -11.11
C GLY D 220 -8.77 52.77 -9.59
N GLY D 221 -8.37 51.62 -9.00
CA GLY D 221 -8.39 51.36 -7.54
C GLY D 221 -9.56 50.47 -7.15
N TYR D 222 -9.51 49.80 -6.00
CA TYR D 222 -10.34 48.60 -5.70
C TYR D 222 -11.59 48.97 -4.90
N GLU D 223 -12.08 50.21 -5.02
CA GLU D 223 -13.21 50.71 -4.20
C GLU D 223 -14.50 49.98 -4.59
N PHE D 224 -14.70 49.76 -5.88
CA PHE D 224 -15.87 49.03 -6.46
C PHE D 224 -16.05 47.64 -5.85
N LEU D 225 -15.00 47.08 -5.22
CA LEU D 225 -15.07 45.72 -4.60
C LEU D 225 -16.11 45.71 -3.48
N THR D 226 -16.36 46.86 -2.85
CA THR D 226 -17.23 46.99 -1.66
C THR D 226 -18.44 47.85 -2.00
N ASN D 227 -18.39 48.64 -3.09
CA ASN D 227 -19.49 49.55 -3.53
C ASN D 227 -20.52 48.85 -4.41
N THR D 228 -20.24 47.68 -4.95
CA THR D 228 -21.10 47.08 -6.00
C THR D 228 -22.41 46.62 -5.36
N PRO D 229 -23.57 47.22 -5.72
CA PRO D 229 -24.85 46.82 -5.14
C PRO D 229 -25.12 45.34 -5.50
N GLY D 230 -25.37 44.51 -4.49
CA GLY D 230 -25.73 43.09 -4.66
C GLY D 230 -24.55 42.16 -4.39
N TRP D 231 -23.33 42.65 -4.53
CA TRP D 231 -22.11 41.81 -4.49
C TRP D 231 -21.23 42.17 -3.28
N SER D 232 -20.64 41.18 -2.60
CA SER D 232 -19.53 41.31 -1.62
C SER D 232 -18.19 41.16 -2.33
N ALA D 233 -17.06 41.38 -1.69
CA ALA D 233 -15.76 41.16 -2.36
C ALA D 233 -15.44 39.66 -2.43
N GLU D 234 -15.60 38.85 -1.35
CA GLU D 234 -15.41 37.34 -1.42
C GLU D 234 -16.10 37.01 -2.76
N ASP D 235 -17.34 37.48 -2.94
CA ASP D 235 -18.23 37.11 -4.07
C ASP D 235 -17.67 37.62 -5.39
N ILE D 236 -17.39 38.92 -5.54
CA ILE D 236 -16.83 39.45 -6.81
C ILE D 236 -15.59 38.64 -7.19
N CYS D 237 -14.71 38.40 -6.23
CA CYS D 237 -13.40 37.79 -6.50
C CYS D 237 -13.58 36.35 -7.01
N LEU D 238 -14.48 35.60 -6.37
CA LEU D 238 -14.86 34.23 -6.78
C LEU D 238 -15.48 34.30 -8.18
N GLY D 239 -16.24 35.37 -8.42
CA GLY D 239 -16.81 35.68 -9.73
C GLY D 239 -15.76 35.56 -10.83
N TYR D 240 -14.64 36.28 -10.68
CA TYR D 240 -13.57 36.38 -11.70
C TYR D 240 -12.90 35.01 -11.89
N ALA D 241 -12.43 34.42 -10.79
CA ALA D 241 -11.81 33.07 -10.79
C ALA D 241 -12.56 32.09 -11.69
N LEU D 242 -13.89 32.18 -11.71
CA LEU D 242 -14.77 31.18 -12.37
C LEU D 242 -14.83 31.43 -13.89
N THR D 243 -14.39 32.61 -14.36
CA THR D 243 -14.45 33.01 -15.79
C THR D 243 -13.21 32.46 -16.52
N GLU D 244 -12.16 32.09 -15.80
CA GLU D 244 -10.97 31.40 -16.38
C GLU D 244 -11.30 29.95 -16.78
N PRO D 245 -11.37 29.64 -18.11
CA PRO D 245 -11.64 28.27 -18.54
C PRO D 245 -10.49 27.28 -18.27
N SER D 246 -9.25 27.76 -18.27
CA SER D 246 -8.04 26.97 -17.91
C SER D 246 -8.26 26.17 -16.64
N LEU D 247 -8.99 26.77 -15.67
CA LEU D 247 -9.30 26.17 -14.35
C LEU D 247 -10.45 25.15 -14.44
N ALA D 248 -10.20 23.92 -14.01
CA ALA D 248 -11.19 22.83 -13.97
C ALA D 248 -12.04 23.00 -12.72
N THR D 249 -11.56 23.74 -11.75
CA THR D 249 -12.29 23.95 -10.47
C THR D 249 -11.55 25.00 -9.64
N VAL D 250 -12.30 25.85 -8.96
CA VAL D 250 -11.78 26.89 -8.03
C VAL D 250 -11.88 26.27 -6.64
N ARG D 251 -10.79 26.37 -5.87
CA ARG D 251 -10.77 25.89 -4.46
C ARG D 251 -11.30 27.00 -3.58
N VAL D 252 -12.20 26.59 -2.68
CA VAL D 252 -12.85 27.41 -1.62
C VAL D 252 -12.68 26.70 -0.27
N THR D 253 -12.88 27.42 0.84
CA THR D 253 -12.62 27.00 2.24
C THR D 253 -13.71 27.63 3.12
N ALA D 254 -14.34 26.85 4.00
CA ALA D 254 -15.61 27.20 4.65
C ALA D 254 -15.65 26.71 6.11
N ASP D 255 -15.40 27.64 7.07
CA ASP D 255 -15.70 27.54 8.52
C ASP D 255 -17.04 26.77 8.64
N ASN D 256 -18.01 26.99 7.77
CA ASN D 256 -19.45 26.85 8.13
C ASN D 256 -20.40 26.84 6.92
N ARG D 257 -21.70 26.78 7.20
CA ARG D 257 -22.77 26.33 6.27
C ARG D 257 -23.28 27.50 5.40
N GLN D 258 -23.56 28.64 6.00
CA GLN D 258 -23.94 29.87 5.30
C GLN D 258 -22.87 30.22 4.26
N GLU D 259 -21.58 30.01 4.53
CA GLU D 259 -20.49 30.41 3.57
C GLU D 259 -20.63 29.52 2.33
N ILE D 260 -20.70 28.21 2.53
CA ILE D 260 -20.74 27.24 1.39
C ILE D 260 -21.94 27.60 0.53
N GLU D 261 -23.04 28.00 1.17
CA GLU D 261 -24.27 28.37 0.46
C GLU D 261 -23.99 29.61 -0.39
N ARG D 262 -23.37 30.65 0.17
CA ARG D 262 -23.22 31.95 -0.54
C ARG D 262 -22.27 31.83 -1.74
N LEU D 263 -21.31 30.89 -1.71
CA LEU D 263 -20.24 30.72 -2.73
C LEU D 263 -20.73 29.83 -3.87
N ALA D 264 -21.49 28.78 -3.56
CA ALA D 264 -22.12 27.91 -4.57
C ALA D 264 -23.15 28.73 -5.38
N ALA D 265 -23.68 29.80 -4.78
CA ALA D 265 -24.65 30.74 -5.39
C ALA D 265 -23.91 31.56 -6.43
N VAL D 266 -22.71 32.03 -6.10
CA VAL D 266 -21.89 32.86 -7.01
C VAL D 266 -21.68 32.12 -8.34
N VAL D 267 -21.72 30.80 -8.37
CA VAL D 267 -21.40 30.05 -9.62
C VAL D 267 -22.47 30.26 -10.70
N GLU D 268 -23.71 30.50 -10.29
CA GLU D 268 -24.90 30.63 -11.17
C GLU D 268 -25.14 32.11 -11.49
N ARG D 269 -24.48 33.03 -10.80
CA ARG D 269 -24.56 34.47 -11.12
C ARG D 269 -23.55 34.84 -12.20
N ASP D 270 -23.86 35.95 -12.85
CA ASP D 270 -23.14 36.61 -13.96
C ASP D 270 -22.42 37.83 -13.37
N LEU D 271 -21.09 37.92 -13.45
CA LEU D 271 -20.39 39.14 -12.98
C LEU D 271 -20.88 40.32 -13.83
N PRO D 272 -21.39 41.43 -13.22
CA PRO D 272 -21.83 42.57 -14.02
C PRO D 272 -20.65 43.14 -14.81
N THR D 273 -20.85 43.44 -16.09
CA THR D 273 -19.76 43.74 -17.07
C THR D 273 -19.12 45.08 -16.68
N GLY D 274 -19.81 45.92 -15.90
CA GLY D 274 -19.21 47.06 -15.16
C GLY D 274 -18.04 46.60 -14.31
N VAL D 275 -18.31 45.69 -13.37
CA VAL D 275 -17.31 45.12 -12.41
C VAL D 275 -16.14 44.49 -13.18
N CYS D 276 -16.38 43.83 -14.32
CA CYS D 276 -15.31 43.14 -15.09
C CYS D 276 -14.27 44.12 -15.59
N ALA D 277 -14.74 45.29 -16.04
CA ALA D 277 -13.93 46.37 -16.65
C ALA D 277 -13.09 47.01 -15.55
N GLN D 278 -13.70 47.26 -14.40
CA GLN D 278 -13.03 47.88 -13.25
C GLN D 278 -12.02 46.89 -12.67
N ILE D 279 -12.29 45.61 -12.81
CA ILE D 279 -11.36 44.56 -12.29
C ILE D 279 -10.01 44.68 -13.03
N GLU D 280 -10.05 45.18 -14.27
CA GLU D 280 -8.88 45.22 -15.17
C GLU D 280 -8.19 46.58 -15.07
N MET D 281 -8.96 47.67 -14.94
CA MET D 281 -8.36 49.01 -14.71
C MET D 281 -7.62 48.92 -13.38
N ALA D 282 -8.29 48.51 -12.32
CA ALA D 282 -7.70 48.38 -10.98
C ALA D 282 -6.44 47.54 -11.06
N ARG D 283 -6.45 46.43 -11.79
CA ARG D 283 -5.29 45.53 -11.85
C ARG D 283 -4.10 46.29 -12.46
N PHE D 284 -4.28 46.99 -13.59
CA PHE D 284 -3.23 47.84 -14.22
C PHE D 284 -2.69 48.88 -13.22
N SER D 285 -3.53 49.84 -12.79
CA SER D 285 -3.31 50.76 -11.62
C SER D 285 -2.33 50.19 -10.59
N ALA D 286 -2.70 49.06 -9.96
CA ALA D 286 -1.93 48.39 -8.89
C ALA D 286 -0.53 48.08 -9.40
N GLN D 287 -0.38 47.24 -10.43
CA GLN D 287 0.95 46.74 -10.90
C GLN D 287 1.77 47.91 -11.48
N GLU D 288 1.15 49.07 -11.77
CA GLU D 288 1.88 50.32 -12.12
C GLU D 288 2.69 50.83 -10.93
N ARG D 289 2.08 51.01 -9.75
CA ARG D 289 2.77 51.54 -8.55
C ARG D 289 3.67 50.46 -7.92
N GLU D 290 3.33 49.16 -8.07
CA GLU D 290 4.21 48.00 -7.72
C GLU D 290 5.51 48.07 -8.53
N LYS D 291 5.62 49.00 -9.51
CA LYS D 291 6.85 49.25 -10.31
C LYS D 291 7.23 50.75 -10.31
N ALA D 292 6.70 51.55 -9.36
CA ALA D 292 7.27 52.83 -8.89
C ALA D 292 8.18 52.53 -7.69
N ALA D 293 7.91 51.41 -7.00
CA ALA D 293 8.77 50.71 -6.02
C ALA D 293 9.81 49.85 -6.75
N ARG D 294 10.85 50.48 -7.31
CA ARG D 294 12.16 49.85 -7.61
C ARG D 294 13.26 50.88 -7.29
N ARG D 295 13.28 52.05 -7.96
CA ARG D 295 13.94 53.33 -7.53
C ARG D 295 15.41 53.40 -8.00
N PRO D 296 15.70 53.74 -9.29
CA PRO D 296 17.06 54.12 -9.70
C PRO D 296 17.36 55.62 -9.48
N LYS D 297 17.91 55.84 -8.78
CA LYS D 297 18.63 57.03 -8.32
C LYS D 297 19.84 57.56 -9.08
N LEU D 298 20.37 56.88 -10.09
CA LEU D 298 21.51 57.56 -10.69
C LEU D 298 21.13 58.94 -11.20
N ALA D 299 21.31 59.94 -10.34
CA ALA D 299 20.99 61.32 -10.69
C ALA D 299 21.69 61.75 -11.98
N ALA D 300 21.96 60.79 -12.85
CA ALA D 300 22.62 61.08 -14.11
C ALA D 300 21.62 61.55 -15.17
N ALA D 301 22.03 61.49 -16.43
CA ALA D 301 21.20 61.90 -17.56
C ALA D 301 20.58 63.29 -17.35
N LEU D 302 21.42 64.31 -17.29
CA LEU D 302 20.97 65.68 -17.11
C LEU D 302 22.09 66.72 -17.52
N GLU D 303 22.00 67.45 -18.70
CA GLU D 303 22.98 68.58 -19.20
C GLU D 303 24.60 68.24 -19.45
N HIS D 304 25.63 68.49 -18.54
CA HIS D 304 27.13 68.16 -18.64
C HIS D 304 28.00 68.51 -19.96
N HIS D 305 30.99 68.34 -21.89
CA HIS D 305 30.70 68.05 -23.33
C HIS D 305 30.01 66.68 -23.44
N HIS D 306 30.82 65.62 -23.58
CA HIS D 306 30.49 64.18 -23.32
C HIS D 306 31.31 63.29 -24.29
N HIS D 307 30.99 61.99 -24.31
CA HIS D 307 31.71 60.77 -24.80
C HIS D 307 32.81 61.04 -25.85
N HIS D 308 33.77 60.09 -25.98
CA HIS D 308 34.57 59.74 -27.20
C HIS D 308 33.98 58.45 -27.78
N HIS D 309 33.61 58.42 -29.06
CA HIS D 309 32.73 57.37 -29.64
C HIS D 309 33.55 56.35 -30.42
PB G4P E . 2.29 -19.93 -7.58
O1B G4P E . 3.27 -19.05 -8.38
O2B G4P E . 2.76 -20.43 -6.22
O3B G4P E . 1.63 -21.08 -8.34
O3A G4P E . 1.13 -18.94 -7.04
PA G4P E . 1.44 -17.46 -6.44
O1A G4P E . 1.69 -16.50 -7.62
O2A G4P E . 0.36 -17.15 -5.37
O5' G4P E . 2.92 -17.61 -5.81
C5' G4P E . 3.86 -16.55 -5.98
C4' G4P E . 4.80 -16.71 -4.83
O4' G4P E . 4.03 -17.20 -3.72
C3' G4P E . 5.79 -17.82 -5.08
O3' G4P E . 6.94 -17.46 -5.84
C2' G4P E . 6.13 -18.37 -3.71
O2' G4P E . 7.24 -17.63 -3.16
C1' G4P E . 4.76 -18.23 -3.00
N9 G4P E . 3.95 -19.53 -2.85
C8 G4P E . 2.75 -19.87 -3.42
N7 G4P E . 2.35 -21.11 -3.03
C5 G4P E . 3.29 -21.61 -2.16
C6 G4P E . 3.52 -22.85 -1.33
O6 G4P E . 2.73 -23.85 -1.27
N1 G4P E . 4.65 -22.86 -0.58
C2 G4P E . 5.57 -21.86 -0.56
N2 G4P E . 6.67 -21.96 0.21
N3 G4P E . 5.42 -20.72 -1.26
C4 G4P E . 4.34 -20.55 -2.06
PC G4P E . 7.21 -18.53 -7.01
O1C G4P E . 8.23 -19.53 -6.50
O2C G4P E . 5.80 -18.95 -7.45
O3C G4P E . 7.87 -17.74 -8.29
PD G4P E . 7.21 -17.57 -9.81
O1D G4P E . 7.46 -16.10 -10.15
O2D G4P E . 8.00 -18.41 -10.80
O3D G4P E . 5.73 -17.99 -9.63
PB G4P F . -0.75 -33.65 -14.13
O1B G4P F . 0.66 -33.16 -14.51
O2B G4P F . -1.95 -33.15 -14.97
O3B G4P F . -1.01 -33.53 -12.64
O3A G4P F . -0.82 -35.26 -14.36
PA G4P F . 0.04 -36.06 -15.45
O1A G4P F . 1.46 -35.50 -15.48
O2A G4P F . -0.19 -37.55 -15.23
O5' G4P F . -0.66 -35.62 -16.83
C5' G4P F . 0.18 -35.48 -18.00
C4' G4P F . -0.76 -35.06 -19.12
O4' G4P F . -1.92 -35.89 -18.97
C3' G4P F . -1.24 -33.62 -18.90
O3' G4P F . -0.51 -32.55 -19.51
C2' G4P F . -2.66 -33.68 -19.39
O2' G4P F . -2.63 -33.29 -20.78
C1' G4P F . -3.13 -35.11 -19.07
N9 G4P F . -4.07 -35.22 -17.86
C8 G4P F . -3.92 -35.74 -16.61
N7 G4P F . -5.06 -35.61 -15.87
C5 G4P F . -5.96 -35.01 -16.66
C6 G4P F . -7.35 -34.57 -16.57
O6 G4P F . -8.01 -34.73 -15.50
N1 G4P F . -7.88 -33.98 -17.68
C2 G4P F . -7.22 -33.77 -18.85
N2 G4P F . -7.77 -33.18 -19.93
N3 G4P F . -5.96 -34.16 -18.98
C4 G4P F . -5.31 -34.76 -17.95
PC G4P F . -0.49 -31.10 -18.72
O1C G4P F . -1.08 -30.01 -19.60
O2C G4P F . -1.01 -31.18 -17.29
O3C G4P F . 1.08 -30.71 -18.59
PD G4P F . 2.15 -31.34 -17.53
O1D G4P F . 2.62 -32.58 -18.30
O2D G4P F . 3.26 -30.29 -17.34
O3D G4P F . 1.37 -31.65 -16.26
PB G4P G . 9.99 40.84 7.64
O1B G4P G . 10.47 41.71 6.47
O2B G4P G . 11.03 39.95 8.28
O3B G4P G . 8.71 40.07 7.39
O3A G4P G . 9.55 41.73 8.93
PA G4P G . 9.73 43.33 9.16
O1A G4P G . 10.17 43.98 7.83
O2A G4P G . 8.51 43.80 9.97
O5' G4P G . 10.96 43.44 10.19
C5' G4P G . 12.11 44.29 10.05
C4' G4P G . 13.15 43.73 11.00
O4' G4P G . 12.50 43.20 12.18
C3' G4P G . 13.83 42.47 10.46
O3' G4P G . 14.90 42.64 9.52
C2' G4P G . 14.31 41.82 11.71
O2' G4P G . 15.51 42.56 12.07
C1' G4P G . 13.07 41.96 12.62
N9 G4P G . 12.11 40.76 12.59
C8 G4P G . 10.90 40.57 11.97
N7 G4P G . 10.37 39.33 12.24
C5 G4P G . 11.24 38.69 13.06
C6 G4P G . 11.37 37.38 13.74
O6 G4P G . 10.49 36.49 13.62
N1 G4P G . 12.46 37.16 14.52
C2 G4P G . 13.44 38.07 14.67
N2 G4P G . 14.53 37.85 15.42
N3 G4P G . 13.40 39.26 14.07
C4 G4P G . 12.36 39.64 13.27
PC G4P G . 14.92 41.65 8.22
O1C G4P G . 16.11 40.72 8.38
O2C G4P G . 13.57 41.02 7.94
O3C G4P G . 15.26 42.71 7.02
PD G4P G . 14.23 43.44 6.00
O1D G4P G . 14.27 44.92 6.37
O2D G4P G . 14.87 43.13 4.65
O3D G4P G . 12.86 42.80 6.25
PB G4P H . 7.38 26.02 1.15
O1B G4P H . 8.69 26.82 1.20
O2B G4P H . 6.57 26.27 -0.09
O3B G4P H . 6.51 26.15 2.40
O3A G4P H . 7.78 24.42 1.11
PA G4P H . 8.37 23.44 -0.11
O1A G4P H . 9.92 23.43 -0.12
O2A G4P H . 7.70 22.04 -0.11
O5' G4P H . 7.74 24.31 -1.33
C5' G4P H . 8.37 24.77 -2.52
C4' G4P H . 7.24 25.06 -3.50
O4' G4P H . 6.07 24.24 -3.26
C3' G4P H . 6.70 26.45 -3.34
O3' G4P H . 7.54 27.49 -3.83
C2' G4P H . 5.38 26.35 -4.09
O2' G4P H . 5.66 26.55 -5.50
C1' G4P H . 4.89 24.95 -3.64
N9 G4P H . 3.89 24.99 -2.53
C8 G4P H . 4.01 24.68 -1.23
N7 G4P H . 2.83 24.85 -0.57
C5 G4P H . 1.90 25.29 -1.45
C6 G4P H . 0.43 25.68 -1.51
O6 G4P H . -0.39 25.68 -0.56
N1 G4P H . -0.07 26.05 -2.70
C2 G4P H . 0.68 26.10 -3.81
N2 G4P H . 0.13 26.49 -4.98
N3 G4P H . 1.99 25.78 -3.84
C4 G4P H . 2.63 25.37 -2.73
PC G4P H . 7.16 29.03 -3.49
O1C G4P H . 6.42 29.61 -4.69
O2C G4P H . 6.55 29.09 -2.11
O3C G4P H . 8.63 29.73 -3.38
PD G4P H . 9.79 29.34 -2.29
O1D G4P H . 10.79 28.43 -2.96
O2D G4P H . 10.38 30.71 -1.99
O3D G4P H . 9.07 28.66 -1.13
#